data_1TD5
#
_entry.id   1TD5
#
_cell.length_a   54.098
_cell.length_b   82.911
_cell.length_c   157.316
_cell.angle_alpha   90.00
_cell.angle_beta   90.00
_cell.angle_gamma   90.00
#
_symmetry.space_group_name_H-M   'P 21 21 21'
#
loop_
_entity.id
_entity.type
_entity.pdbx_description
1 polymer 'Acetate operon repressor'
2 water water
#
_entity_poly.entity_id   1
_entity_poly.type   'polypeptide(L)'
_entity_poly.pdbx_seq_one_letter_code
;MGSSHHHHHHSSGRENLYFQGH(MSE)SRNLLAIVHPILRNL(MSE)EESGETVN(MSE)AVLDQSDHEAIIIDQVQCTH
L(MSE)R(MSE)SAPIGGKLP(MSE)HASGAGKAFLAQLSEEQVTKLLHRKGLHAYTHATLVSPVHLKEDLAQTRKRGYS
FDDEEHALGLRCLAACIFDEHREPFAAISISGPISRITDDRVTEFGA(MSE)VIKAAKEVTLAYGG(MSE)RGS
;
_entity_poly.pdbx_strand_id   A,B,C,D
#
# COMPACT_ATOMS: atom_id res chain seq x y z
N GLY A 21 8.10 27.29 10.18
CA GLY A 21 9.58 27.29 10.13
C GLY A 21 10.10 26.38 9.04
N HIS A 22 11.20 26.75 8.40
CA HIS A 22 11.76 25.94 7.33
C HIS A 22 13.09 25.34 7.76
N SER A 24 16.75 25.06 6.89
CA SER A 24 17.86 25.52 6.07
C SER A 24 19.04 24.58 6.25
N ARG A 25 19.83 24.41 5.19
CA ARG A 25 20.98 23.52 5.26
C ARG A 25 21.92 24.01 6.35
N ASN A 26 21.90 25.32 6.57
CA ASN A 26 22.77 25.90 7.58
C ASN A 26 22.34 25.38 8.95
N LEU A 27 21.06 25.49 9.25
CA LEU A 27 20.54 25.00 10.53
C LEU A 27 20.91 23.50 10.75
N LEU A 28 20.80 22.68 9.70
CA LEU A 28 21.14 21.27 9.80
C LEU A 28 22.55 21.07 10.31
N ALA A 29 23.47 21.85 9.77
CA ALA A 29 24.86 21.73 10.18
C ALA A 29 25.02 22.09 11.66
N ILE A 30 24.18 23.02 12.13
CA ILE A 30 24.26 23.44 13.52
C ILE A 30 23.73 22.34 14.43
N VAL A 31 22.64 21.71 14.02
CA VAL A 31 21.97 20.67 14.78
C VAL A 31 22.56 19.27 14.61
N HIS A 32 23.27 19.04 13.53
CA HIS A 32 23.83 17.72 13.33
C HIS A 32 24.41 17.12 14.61
N PRO A 33 25.16 17.93 15.39
CA PRO A 33 25.75 17.42 16.65
C PRO A 33 24.72 16.75 17.59
N ILE A 34 23.47 17.20 17.53
CA ILE A 34 22.42 16.61 18.37
C ILE A 34 22.09 15.21 17.84
N LEU A 35 21.94 15.05 16.51
CA LEU A 35 21.63 13.72 15.95
C LEU A 35 22.77 12.73 16.20
N ARG A 36 24.01 13.18 16.09
CA ARG A 36 25.12 12.26 16.33
C ARG A 36 25.09 11.78 17.77
N ASN A 37 24.85 12.70 18.69
CA ASN A 37 24.79 12.38 20.10
C ASN A 37 23.70 11.38 20.48
N LEU A 38 22.52 11.56 19.89
CA LEU A 38 21.41 10.67 20.17
C LEU A 38 21.72 9.26 19.62
N GLU A 40 24.76 7.78 19.36
CA GLU A 40 25.63 7.09 20.32
C GLU A 40 24.86 6.62 21.57
N GLU A 41 24.02 7.51 22.10
CA GLU A 41 23.27 7.20 23.29
C GLU A 41 22.27 6.09 23.10
N SER A 42 21.42 6.17 22.09
CA SER A 42 20.45 5.11 21.90
C SER A 42 21.07 3.87 21.29
N GLY A 43 22.08 4.06 20.43
CA GLY A 43 22.72 2.94 19.76
C GLY A 43 21.96 2.58 18.49
N GLU A 44 21.05 3.47 18.06
CA GLU A 44 20.29 3.22 16.86
C GLU A 44 20.36 4.32 15.86
N THR A 45 19.86 4.04 14.67
CA THR A 45 19.87 5.07 13.65
C THR A 45 18.97 6.22 14.02
N VAL A 46 19.44 7.44 13.79
CA VAL A 46 18.67 8.65 14.07
C VAL A 46 18.32 9.36 12.75
N ASN A 47 17.11 9.87 12.66
CA ASN A 47 16.68 10.60 11.48
C ASN A 47 16.10 11.96 11.87
N ALA A 49 13.39 14.60 9.98
CA ALA A 49 12.44 14.66 8.90
C ALA A 49 11.70 15.97 8.97
N VAL A 50 11.42 16.52 7.80
CA VAL A 50 10.76 17.79 7.73
C VAL A 50 9.29 17.58 7.37
N LEU A 51 8.44 18.48 7.84
CA LEU A 51 7.03 18.39 7.55
C LEU A 51 6.70 19.23 6.31
N ASP A 52 6.14 18.57 5.31
CA ASP A 52 5.75 19.27 4.11
C ASP A 52 4.29 19.65 4.34
N GLN A 53 4.07 20.88 4.79
CA GLN A 53 2.73 21.37 5.09
C GLN A 53 1.80 21.54 3.87
N SER A 54 2.35 21.46 2.66
CA SER A 54 1.51 21.61 1.48
C SER A 54 0.95 20.28 1.03
N ASP A 55 1.81 19.27 1.02
CA ASP A 55 1.42 17.92 0.61
C ASP A 55 1.15 16.97 1.81
N HIS A 56 1.46 17.38 3.04
CA HIS A 56 1.27 16.52 4.22
C HIS A 56 2.14 15.23 4.12
N GLU A 57 3.45 15.42 4.09
CA GLU A 57 4.39 14.32 3.95
C GLU A 57 5.60 14.50 4.87
N ALA A 58 6.06 13.41 5.45
CA ALA A 58 7.22 13.48 6.32
C ALA A 58 8.43 13.10 5.47
N ILE A 59 9.32 14.05 5.22
CA ILE A 59 10.48 13.80 4.40
C ILE A 59 11.79 13.78 5.16
N ILE A 60 12.49 12.67 5.07
CA ILE A 60 13.76 12.56 5.74
C ILE A 60 14.73 13.49 5.06
N ILE A 61 15.41 14.30 5.86
CA ILE A 61 16.37 15.24 5.32
C ILE A 61 17.73 15.11 5.97
N ASP A 62 17.80 14.28 6.99
CA ASP A 62 19.08 14.05 7.64
C ASP A 62 19.07 12.70 8.31
N GLN A 63 20.25 12.19 8.67
CA GLN A 63 20.38 10.89 9.31
C GLN A 63 21.79 10.57 9.78
N VAL A 64 21.87 9.93 10.95
CA VAL A 64 23.15 9.49 11.51
C VAL A 64 22.89 7.99 11.81
N GLN A 65 23.54 7.11 11.06
CA GLN A 65 23.35 5.68 11.23
C GLN A 65 24.16 5.07 12.35
N CYS A 66 23.62 4.06 13.01
CA CYS A 66 24.39 3.42 14.05
C CYS A 66 25.36 2.47 13.30
N THR A 67 26.15 1.72 14.06
CA THR A 67 27.16 0.85 13.49
C THR A 67 26.81 -0.64 13.41
N HIS A 68 25.65 -0.98 13.94
CA HIS A 68 25.19 -2.36 13.92
C HIS A 68 25.02 -2.87 12.47
N LEU A 69 25.32 -4.14 12.23
CA LEU A 69 25.19 -4.69 10.89
C LEU A 69 23.72 -4.66 10.47
N ARG A 71 20.37 -2.79 10.83
CA ARG A 71 19.84 -1.52 11.30
C ARG A 71 18.89 -0.88 10.34
N SER A 73 18.03 1.94 7.69
CA SER A 73 18.76 2.83 6.82
C SER A 73 17.88 3.32 5.69
N ALA A 74 17.31 4.50 5.88
CA ALA A 74 16.46 5.07 4.86
C ALA A 74 17.31 6.00 4.03
N PRO A 75 16.87 6.25 2.79
CA PRO A 75 17.59 7.12 1.87
C PRO A 75 17.25 8.62 2.14
N ILE A 76 18.24 9.52 2.02
CA ILE A 76 17.91 10.90 2.29
C ILE A 76 16.93 11.31 1.24
N GLY A 77 15.90 12.03 1.66
CA GLY A 77 14.88 12.43 0.73
C GLY A 77 13.76 11.40 0.74
N GLY A 78 13.89 10.37 1.56
CA GLY A 78 12.86 9.35 1.63
C GLY A 78 11.61 9.80 2.36
N LYS A 79 10.44 9.37 1.87
CA LYS A 79 9.18 9.75 2.50
C LYS A 79 8.74 8.67 3.49
N LEU A 80 8.01 9.10 4.50
CA LEU A 80 7.48 8.24 5.54
C LEU A 80 5.97 8.36 5.63
N PRO A 81 5.26 7.25 5.76
CA PRO A 81 3.80 7.29 5.86
C PRO A 81 3.36 8.09 7.09
N HIS A 83 0.55 7.95 8.81
CA HIS A 83 -0.21 7.16 9.80
C HIS A 83 0.50 5.96 10.41
N ALA A 84 1.54 5.46 9.73
CA ALA A 84 2.26 4.31 10.22
C ALA A 84 3.78 4.50 10.41
N SER A 85 4.19 5.66 10.93
CA SER A 85 5.60 5.93 11.18
C SER A 85 5.86 6.88 12.36
N GLY A 86 7.05 6.78 12.94
CA GLY A 86 7.39 7.64 14.02
C GLY A 86 7.07 9.05 13.63
N ALA A 87 7.91 9.64 12.79
CA ALA A 87 7.71 11.02 12.36
C ALA A 87 6.30 11.27 11.84
N GLY A 88 5.81 10.38 10.99
CA GLY A 88 4.46 10.54 10.47
C GLY A 88 3.51 10.80 11.63
N LYS A 89 3.31 9.79 12.48
CA LYS A 89 2.41 9.95 13.59
C LYS A 89 2.74 11.07 14.55
N ALA A 90 4.02 11.39 14.76
CA ALA A 90 4.35 12.48 15.68
C ALA A 90 3.80 13.80 15.11
N PHE A 91 3.67 13.85 13.78
CA PHE A 91 3.12 15.03 13.11
C PHE A 91 1.59 14.96 13.13
N LEU A 92 1.06 13.82 12.66
CA LEU A 92 -0.37 13.58 12.58
C LEU A 92 -0.98 13.90 13.93
N ALA A 93 -0.23 13.69 15.00
CA ALA A 93 -0.73 13.97 16.34
C ALA A 93 -0.54 15.43 16.67
N GLN A 94 -1.07 16.28 15.81
CA GLN A 94 -0.94 17.73 16.00
C GLN A 94 -2.10 18.36 15.32
N LEU A 95 -2.65 17.61 14.38
CA LEU A 95 -3.78 18.05 13.58
C LEU A 95 -5.13 17.62 14.16
N SER A 96 -6.17 18.41 13.91
CA SER A 96 -7.50 18.10 14.43
C SER A 96 -8.01 16.83 13.78
N GLU A 97 -9.07 16.30 14.36
CA GLU A 97 -9.67 15.08 13.86
C GLU A 97 -10.25 15.35 12.47
N GLU A 98 -10.58 16.62 12.22
CA GLU A 98 -11.11 17.02 10.92
C GLU A 98 -9.96 16.96 9.88
N GLN A 99 -8.82 17.50 10.28
CA GLN A 99 -7.63 17.52 9.43
C GLN A 99 -7.27 16.10 9.12
N VAL A 100 -7.17 15.32 10.20
CA VAL A 100 -6.84 13.92 10.09
C VAL A 100 -7.80 13.23 9.11
N THR A 101 -9.12 13.41 9.31
CA THR A 101 -10.16 12.82 8.46
C THR A 101 -9.93 13.19 6.98
N LYS A 102 -9.36 14.37 6.78
CA LYS A 102 -9.06 14.85 5.44
C LYS A 102 -8.00 13.93 4.84
N LEU A 103 -6.88 13.79 5.56
CA LEU A 103 -5.78 12.95 5.11
C LEU A 103 -6.18 11.48 5.02
N LEU A 104 -7.30 11.12 5.64
CA LEU A 104 -7.75 9.73 5.58
C LEU A 104 -8.03 9.38 4.13
N HIS A 105 -8.58 10.35 3.40
CA HIS A 105 -8.89 10.16 1.99
C HIS A 105 -7.85 10.93 1.17
N ARG A 106 -7.37 12.05 1.74
CA ARG A 106 -6.37 12.89 1.10
C ARG A 106 -5.15 12.07 0.76
N LYS A 107 -4.59 11.43 1.79
CA LYS A 107 -3.40 10.57 1.66
C LYS A 107 -3.79 9.08 1.52
N GLY A 108 -4.13 8.43 2.63
CA GLY A 108 -4.52 7.04 2.56
C GLY A 108 -3.91 6.27 3.72
N LEU A 109 -4.76 5.53 4.42
CA LEU A 109 -4.34 4.72 5.57
C LEU A 109 -3.94 3.33 5.10
N HIS A 110 -2.95 3.27 4.22
CA HIS A 110 -2.47 1.99 3.67
C HIS A 110 -2.09 1.03 4.81
N ALA A 111 -2.19 -0.27 4.53
CA ALA A 111 -1.85 -1.27 5.52
C ALA A 111 -0.47 -1.87 5.23
N TYR A 112 0.53 -1.35 5.94
CA TYR A 112 1.91 -1.83 5.79
C TYR A 112 2.09 -3.17 6.48
N THR A 113 1.53 -3.33 7.68
CA THR A 113 1.62 -4.60 8.41
C THR A 113 0.35 -4.78 9.26
N HIS A 114 0.17 -6.01 9.74
CA HIS A 114 -0.96 -6.37 10.59
C HIS A 114 -1.10 -5.44 11.78
N ALA A 115 -0.03 -4.73 12.14
CA ALA A 115 -0.10 -3.84 13.30
C ALA A 115 -0.43 -2.42 12.91
N THR A 116 -0.32 -2.12 11.63
CA THR A 116 -0.62 -0.77 11.13
C THR A 116 -2.01 -0.34 11.61
N LEU A 117 -2.11 0.90 12.13
CA LEU A 117 -3.40 1.37 12.58
C LEU A 117 -4.28 1.75 11.37
N VAL A 118 -4.78 0.76 10.63
CA VAL A 118 -5.62 1.02 9.47
C VAL A 118 -6.99 1.60 9.76
N SER A 119 -7.48 1.38 10.97
CA SER A 119 -8.80 1.91 11.37
C SER A 119 -8.70 3.23 12.15
N PRO A 120 -9.25 4.32 11.59
CA PRO A 120 -9.26 5.66 12.19
C PRO A 120 -9.64 5.73 13.66
N VAL A 121 -10.45 4.77 14.12
CA VAL A 121 -10.85 4.74 15.53
C VAL A 121 -9.60 4.49 16.37
N HIS A 122 -8.91 3.39 16.06
CA HIS A 122 -7.70 3.03 16.78
C HIS A 122 -6.63 4.11 16.55
N LEU A 123 -6.42 4.48 15.28
CA LEU A 123 -5.42 5.49 14.93
C LEU A 123 -5.58 6.77 15.73
N LYS A 124 -6.72 7.42 15.54
CA LYS A 124 -7.00 8.64 16.26
C LYS A 124 -6.75 8.40 17.74
N GLU A 125 -7.11 7.20 18.21
CA GLU A 125 -6.91 6.79 19.62
C GLU A 125 -5.40 6.78 20.01
N ASP A 126 -4.58 6.22 19.14
CA ASP A 126 -3.15 6.18 19.36
C ASP A 126 -2.60 7.60 19.21
N LEU A 127 -3.16 8.36 18.27
CA LEU A 127 -2.70 9.75 18.07
C LEU A 127 -2.89 10.50 19.40
N ALA A 128 -4.04 10.27 20.01
CA ALA A 128 -4.36 10.88 21.27
C ALA A 128 -3.27 10.53 22.30
N GLN A 129 -3.05 9.23 22.52
CA GLN A 129 -2.04 8.74 23.46
C GLN A 129 -0.66 9.35 23.16
N THR A 130 -0.41 9.65 21.89
CA THR A 130 0.87 10.25 21.51
C THR A 130 1.01 11.64 22.15
N ARG A 131 0.02 12.51 21.96
CA ARG A 131 0.12 13.84 22.58
C ARG A 131 0.28 13.70 24.09
N LYS A 132 -0.58 12.90 24.71
CA LYS A 132 -0.53 12.69 26.14
C LYS A 132 0.91 12.34 26.53
N ARG A 133 1.41 11.25 25.96
CA ARG A 133 2.75 10.71 26.20
C ARG A 133 3.93 11.61 25.85
N GLY A 134 3.76 12.36 24.78
CA GLY A 134 4.81 13.27 24.34
C GLY A 134 5.53 12.83 23.08
N TYR A 135 5.74 11.53 22.96
CA TYR A 135 6.44 11.00 21.81
C TYR A 135 5.58 9.95 21.12
N SER A 136 5.72 9.88 19.78
CA SER A 136 4.99 8.90 18.98
C SER A 136 5.66 7.54 19.16
N PHE A 137 5.01 6.52 18.68
CA PHE A 137 5.60 5.22 18.82
C PHE A 137 4.97 4.34 17.75
N ASP A 138 5.84 3.91 16.83
CA ASP A 138 5.48 3.01 15.74
C ASP A 138 6.08 1.71 16.24
N ASP A 139 5.20 0.72 16.43
CA ASP A 139 5.56 -0.61 16.90
C ASP A 139 5.28 -1.58 15.77
N GLU A 140 6.26 -1.76 14.89
CA GLU A 140 6.11 -2.67 13.78
C GLU A 140 4.86 -2.32 12.95
N GLU A 141 4.57 -1.03 12.80
CA GLU A 141 3.43 -0.57 12.00
C GLU A 141 3.89 -0.26 10.59
N HIS A 142 5.10 0.30 10.46
CA HIS A 142 5.67 0.68 9.16
C HIS A 142 6.34 -0.51 8.49
N ALA A 143 6.96 -1.38 9.27
CA ALA A 143 7.61 -2.58 8.75
C ALA A 143 7.85 -3.60 9.86
N LEU A 144 7.67 -4.87 9.53
CA LEU A 144 7.88 -5.96 10.46
C LEU A 144 9.26 -5.97 11.11
N GLY A 145 9.28 -5.88 12.44
CA GLY A 145 10.52 -5.90 13.19
C GLY A 145 11.12 -4.53 13.45
N LEU A 146 10.49 -3.51 12.92
CA LEU A 146 10.98 -2.16 13.07
C LEU A 146 10.28 -1.37 14.13
N ARG A 147 11.04 -0.68 14.96
CA ARG A 147 10.41 0.18 15.95
C ARG A 147 10.95 1.54 15.71
N CYS A 148 10.16 2.55 16.08
CA CYS A 148 10.52 3.93 15.86
C CYS A 148 9.88 4.84 16.94
N LEU A 149 10.61 5.86 17.39
CA LEU A 149 10.11 6.83 18.34
C LEU A 149 10.48 8.20 17.77
N ALA A 150 9.53 9.12 17.72
CA ALA A 150 9.80 10.47 17.20
C ALA A 150 9.15 11.53 18.10
N ALA A 151 9.61 12.77 17.97
CA ALA A 151 9.07 13.91 18.74
C ALA A 151 9.30 15.15 17.90
N CYS A 152 8.24 15.94 17.70
CA CYS A 152 8.33 17.15 16.87
C CYS A 152 9.34 18.20 17.29
N ILE A 153 9.67 19.08 16.33
CA ILE A 153 10.62 20.19 16.50
C ILE A 153 9.75 21.43 16.32
N PHE A 154 9.96 22.45 17.14
CA PHE A 154 9.13 23.65 17.03
C PHE A 154 9.82 24.94 16.60
N ASP A 155 9.09 25.69 15.79
CA ASP A 155 9.56 26.98 15.30
C ASP A 155 9.24 28.08 16.32
N GLU A 156 8.88 29.27 15.80
CA GLU A 156 8.55 30.42 16.63
C GLU A 156 7.08 30.39 17.00
N HIS A 157 6.21 30.31 16.00
CA HIS A 157 4.75 30.28 16.18
C HIS A 157 4.29 28.96 16.81
N ARG A 158 5.19 28.33 17.59
CA ARG A 158 4.93 27.05 18.26
C ARG A 158 4.39 26.00 17.26
N GLU A 159 4.73 26.18 15.99
CA GLU A 159 4.29 25.27 14.95
C GLU A 159 5.38 24.20 14.77
N PRO A 160 4.95 22.95 14.61
CA PRO A 160 5.89 21.84 14.41
C PRO A 160 6.28 21.80 12.92
N PHE A 161 7.57 21.95 12.62
CA PHE A 161 8.00 21.93 11.24
C PHE A 161 8.95 20.75 10.97
N ALA A 162 9.59 20.26 12.03
CA ALA A 162 10.50 19.12 11.94
C ALA A 162 10.17 18.02 12.98
N ALA A 163 10.84 16.87 12.86
CA ALA A 163 10.64 15.73 13.75
C ALA A 163 11.94 14.93 13.78
N ILE A 164 12.39 14.58 14.98
CA ILE A 164 13.62 13.82 15.19
C ILE A 164 13.19 12.41 15.65
N SER A 165 13.79 11.37 15.07
CA SER A 165 13.41 10.01 15.43
C SER A 165 14.56 9.01 15.52
N ILE A 166 14.30 7.95 16.28
CA ILE A 166 15.23 6.85 16.52
C ILE A 166 14.51 5.61 16.02
N SER A 167 15.14 4.86 15.12
CA SER A 167 14.46 3.68 14.59
C SER A 167 15.38 2.51 14.63
N GLY A 168 14.87 1.38 15.08
CA GLY A 168 15.72 0.21 15.11
C GLY A 168 14.92 -1.05 15.21
N PRO A 169 15.60 -2.21 15.13
CA PRO A 169 14.97 -3.52 15.22
C PRO A 169 14.48 -3.81 16.63
N ILE A 170 13.35 -4.48 16.73
CA ILE A 170 12.83 -4.82 18.01
C ILE A 170 13.80 -5.62 18.85
N SER A 171 14.67 -6.40 18.21
CA SER A 171 15.62 -7.20 18.96
C SER A 171 16.41 -6.30 19.87
N ARG A 172 16.60 -5.03 19.51
CA ARG A 172 17.39 -4.16 20.38
C ARG A 172 16.56 -3.05 21.02
N ILE A 173 15.49 -2.61 20.36
CA ILE A 173 14.61 -1.59 20.96
C ILE A 173 13.58 -2.47 21.66
N THR A 174 13.96 -2.96 22.83
CA THR A 174 13.13 -3.86 23.64
C THR A 174 12.01 -3.12 24.35
N ASP A 175 10.95 -3.84 24.69
CA ASP A 175 9.81 -3.22 25.37
C ASP A 175 10.21 -2.38 26.57
N ASP A 176 11.17 -2.85 27.38
CA ASP A 176 11.59 -2.10 28.55
C ASP A 176 12.57 -0.93 28.30
N ARG A 177 12.80 -0.58 27.04
CA ARG A 177 13.70 0.54 26.72
C ARG A 177 12.88 1.60 26.00
N VAL A 178 11.64 1.27 25.69
CA VAL A 178 10.79 2.18 24.96
C VAL A 178 10.69 3.53 25.64
N THR A 179 10.32 3.52 26.92
CA THR A 179 10.19 4.77 27.66
C THR A 179 11.53 5.49 27.73
N GLU A 180 12.62 4.75 27.94
CA GLU A 180 13.94 5.34 28.01
C GLU A 180 14.31 5.92 26.63
N PHE A 181 13.74 5.32 25.58
CA PHE A 181 13.98 5.77 24.22
C PHE A 181 13.13 6.97 23.97
N GLY A 182 11.87 6.93 24.42
CA GLY A 182 11.00 8.07 24.22
C GLY A 182 11.52 9.32 24.95
N ALA A 183 12.24 9.13 26.03
CA ALA A 183 12.75 10.28 26.78
C ALA A 183 13.94 10.86 26.05
N VAL A 185 14.54 11.02 22.89
CA VAL A 185 14.09 11.76 21.72
C VAL A 185 13.42 13.07 22.11
N ILE A 186 12.96 13.19 23.36
CA ILE A 186 12.32 14.41 23.83
C ILE A 186 13.45 15.40 24.10
N LYS A 187 14.43 14.91 24.85
CA LYS A 187 15.60 15.68 25.22
C LYS A 187 16.39 16.18 23.99
N ALA A 188 16.33 15.41 22.90
CA ALA A 188 17.02 15.78 21.67
C ALA A 188 16.19 16.73 20.80
N ALA A 189 14.89 16.56 20.83
CA ALA A 189 14.03 17.43 20.06
C ALA A 189 14.04 18.81 20.75
N LYS A 190 13.86 18.81 22.06
CA LYS A 190 13.85 20.05 22.82
C LYS A 190 15.15 20.77 22.47
N GLU A 191 16.26 20.06 22.54
CA GLU A 191 17.58 20.66 22.25
C GLU A 191 17.70 21.26 20.85
N VAL A 192 16.85 20.83 19.93
CA VAL A 192 16.87 21.31 18.57
C VAL A 192 15.95 22.50 18.46
N THR A 193 14.78 22.38 19.07
CA THR A 193 13.78 23.44 19.04
C THR A 193 14.34 24.74 19.62
N LEU A 194 15.11 24.63 20.70
CA LEU A 194 15.71 25.79 21.34
C LEU A 194 16.96 26.24 20.63
N ALA A 195 17.89 25.33 20.40
CA ALA A 195 19.11 25.71 19.68
C ALA A 195 18.73 26.34 18.33
N TYR A 196 17.59 25.93 17.78
CA TYR A 196 17.11 26.48 16.53
C TYR A 196 16.88 27.96 16.68
N GLY A 197 15.86 28.32 17.45
CA GLY A 197 15.53 29.71 17.67
C GLY A 197 16.72 30.53 18.15
N GLY A 198 16.97 31.63 17.45
CA GLY A 198 18.08 32.48 17.79
C GLY A 198 19.37 31.74 17.56
N GLY B 21 6.24 -3.67 -24.80
CA GLY B 21 6.27 -5.05 -24.17
C GLY B 21 5.29 -6.04 -24.79
N HIS B 22 5.25 -7.27 -24.28
CA HIS B 22 4.34 -8.30 -24.78
C HIS B 22 2.99 -7.68 -25.15
N SER B 24 2.08 -4.60 -26.21
CA SER B 24 2.50 -3.31 -26.76
C SER B 24 1.31 -2.39 -27.00
N ARG B 25 1.59 -1.11 -27.23
CA ARG B 25 0.49 -0.20 -27.47
C ARG B 25 -0.18 -0.60 -28.78
N ASN B 26 0.62 -1.15 -29.69
CA ASN B 26 0.10 -1.55 -30.98
C ASN B 26 -0.96 -2.63 -30.90
N LEU B 27 -0.72 -3.59 -30.01
CA LEU B 27 -1.64 -4.69 -29.80
C LEU B 27 -2.90 -4.21 -29.05
N LEU B 28 -2.73 -3.19 -28.21
CA LEU B 28 -3.85 -2.63 -27.47
C LEU B 28 -4.87 -2.11 -28.40
N ALA B 29 -4.40 -1.44 -29.42
CA ALA B 29 -5.23 -0.84 -30.45
C ALA B 29 -6.01 -1.89 -31.21
N ILE B 30 -5.28 -2.93 -31.58
CA ILE B 30 -5.89 -4.03 -32.30
C ILE B 30 -6.92 -4.74 -31.45
N VAL B 31 -6.67 -4.89 -30.16
CA VAL B 31 -7.62 -5.63 -29.38
C VAL B 31 -8.73 -4.77 -28.71
N HIS B 32 -8.60 -3.45 -28.83
CA HIS B 32 -9.58 -2.56 -28.24
C HIS B 32 -11.07 -2.89 -28.54
N PRO B 33 -11.39 -3.20 -29.81
CA PRO B 33 -12.79 -3.52 -30.09
C PRO B 33 -13.33 -4.65 -29.17
N ILE B 34 -12.44 -5.56 -28.73
CA ILE B 34 -12.83 -6.67 -27.84
C ILE B 34 -13.24 -6.12 -26.48
N LEU B 35 -12.40 -5.27 -25.93
CA LEU B 35 -12.68 -4.66 -24.66
C LEU B 35 -14.02 -3.90 -24.72
N ARG B 36 -14.22 -3.14 -25.79
CA ARG B 36 -15.43 -2.35 -25.96
C ARG B 36 -16.63 -3.25 -26.10
N ASN B 37 -16.43 -4.39 -26.74
CA ASN B 37 -17.52 -5.31 -26.93
C ASN B 37 -17.96 -5.89 -25.59
N LEU B 38 -16.97 -6.33 -24.82
CA LEU B 38 -17.19 -6.89 -23.52
C LEU B 38 -17.86 -5.84 -22.65
N GLU B 40 -19.89 -3.30 -23.64
CA GLU B 40 -21.26 -3.19 -24.13
C GLU B 40 -22.07 -4.41 -23.76
N GLU B 41 -21.51 -5.58 -23.99
CA GLU B 41 -22.21 -6.80 -23.68
C GLU B 41 -22.38 -7.02 -22.20
N SER B 42 -21.45 -6.56 -21.38
CA SER B 42 -21.61 -6.76 -19.93
C SER B 42 -22.26 -5.63 -19.10
N GLY B 43 -22.17 -4.40 -19.60
CA GLY B 43 -22.74 -3.29 -18.87
C GLY B 43 -21.81 -2.82 -17.75
N GLU B 44 -20.59 -3.33 -17.75
CA GLU B 44 -19.65 -2.96 -16.71
C GLU B 44 -18.28 -2.57 -17.28
N THR B 45 -17.53 -1.82 -16.49
CA THR B 45 -16.20 -1.41 -16.90
C THR B 45 -15.26 -2.59 -17.15
N VAL B 46 -14.53 -2.47 -18.25
CA VAL B 46 -13.59 -3.49 -18.66
C VAL B 46 -12.16 -2.99 -18.49
N ASN B 47 -11.30 -3.85 -17.94
CA ASN B 47 -9.90 -3.48 -17.78
C ASN B 47 -8.97 -4.52 -18.30
N ALA B 49 -5.03 -5.69 -17.73
CA ALA B 49 -3.97 -5.56 -16.76
C ALA B 49 -2.80 -6.44 -17.17
N VAL B 50 -1.60 -6.06 -16.73
CA VAL B 50 -0.42 -6.90 -16.97
C VAL B 50 0.24 -7.13 -15.61
N LEU B 51 0.88 -8.28 -15.47
CA LEU B 51 1.54 -8.68 -14.23
C LEU B 51 2.94 -8.11 -14.14
N ASP B 52 3.07 -6.90 -13.59
CA ASP B 52 4.39 -6.27 -13.46
C ASP B 52 5.36 -7.19 -12.70
N GLN B 53 6.30 -7.79 -13.44
CA GLN B 53 7.30 -8.72 -12.90
C GLN B 53 8.20 -8.09 -11.84
N SER B 54 8.18 -6.76 -11.81
CA SER B 54 8.94 -5.96 -10.88
C SER B 54 8.42 -6.19 -9.46
N ASP B 55 7.34 -5.48 -9.08
CA ASP B 55 6.72 -5.60 -7.75
C ASP B 55 5.82 -6.85 -7.62
N HIS B 56 5.72 -7.61 -8.71
CA HIS B 56 4.87 -8.79 -8.76
C HIS B 56 3.47 -8.38 -8.29
N GLU B 57 2.94 -7.38 -8.99
CA GLU B 57 1.62 -6.82 -8.74
C GLU B 57 0.96 -6.53 -10.09
N ALA B 58 -0.36 -6.59 -10.10
CA ALA B 58 -1.11 -6.36 -11.32
C ALA B 58 -1.12 -4.86 -11.56
N ILE B 59 -1.04 -4.48 -12.81
CA ILE B 59 -1.08 -3.08 -13.16
C ILE B 59 -2.04 -2.83 -14.32
N ILE B 60 -2.97 -1.90 -14.13
CA ILE B 60 -3.94 -1.58 -15.15
C ILE B 60 -3.28 -0.85 -16.32
N ILE B 61 -3.54 -1.29 -17.54
CA ILE B 61 -2.94 -0.61 -18.67
C ILE B 61 -3.94 -0.06 -19.66
N ASP B 62 -5.15 -0.55 -19.64
CA ASP B 62 -6.16 -0.07 -20.55
C ASP B 62 -7.47 -0.22 -19.82
N GLN B 63 -8.51 0.46 -20.29
CA GLN B 63 -9.80 0.42 -19.66
C GLN B 63 -10.86 1.01 -20.58
N VAL B 64 -12.05 0.41 -20.58
CA VAL B 64 -13.19 0.97 -21.30
C VAL B 64 -14.29 0.96 -20.25
N GLN B 65 -14.65 2.16 -19.79
CA GLN B 65 -15.70 2.33 -18.79
C GLN B 65 -17.13 2.17 -19.29
N CYS B 66 -18.03 1.64 -18.45
CA CYS B 66 -19.43 1.51 -18.85
C CYS B 66 -20.08 2.87 -18.65
N THR B 67 -21.35 2.97 -18.96
CA THR B 67 -22.02 4.25 -18.85
C THR B 67 -22.85 4.49 -17.60
N HIS B 68 -22.92 3.52 -16.69
CA HIS B 68 -23.69 3.69 -15.47
C HIS B 68 -23.14 4.82 -14.56
N LEU B 69 -24.04 5.53 -13.88
CA LEU B 69 -23.63 6.59 -12.96
C LEU B 69 -22.74 6.02 -11.86
N ARG B 71 -20.19 3.07 -10.90
CA ARG B 71 -19.37 2.05 -11.55
C ARG B 71 -17.91 2.01 -11.10
N SER B 73 -14.00 2.42 -11.74
CA SER B 73 -13.20 3.28 -12.61
C SER B 73 -11.87 3.53 -11.97
N ALA B 74 -10.87 2.82 -12.46
CA ALA B 74 -9.55 2.97 -11.91
C ALA B 74 -8.72 3.71 -12.88
N PRO B 75 -7.60 4.26 -12.40
CA PRO B 75 -6.74 5.02 -13.30
C PRO B 75 -5.74 4.11 -14.02
N ILE B 76 -5.23 4.58 -15.15
CA ILE B 76 -4.25 3.81 -15.88
C ILE B 76 -2.95 3.81 -15.08
N GLY B 77 -2.43 2.63 -14.81
CA GLY B 77 -1.19 2.53 -14.07
C GLY B 77 -1.50 2.16 -12.65
N GLY B 78 -2.79 2.00 -12.35
CA GLY B 78 -3.23 1.65 -11.02
C GLY B 78 -2.76 0.24 -10.64
N LYS B 79 -2.52 0.04 -9.35
CA LYS B 79 -2.04 -1.25 -8.91
C LYS B 79 -3.07 -2.07 -8.17
N LEU B 80 -3.14 -3.36 -8.50
CA LEU B 80 -4.07 -4.26 -7.87
C LEU B 80 -3.34 -5.37 -7.17
N PRO B 81 -3.84 -5.75 -6.00
CA PRO B 81 -3.30 -6.81 -5.14
C PRO B 81 -3.38 -8.15 -5.85
N HIS B 83 -3.62 -11.17 -4.47
CA HIS B 83 -4.53 -12.10 -3.83
C HIS B 83 -5.97 -11.64 -3.64
N ALA B 84 -6.28 -10.41 -3.98
CA ALA B 84 -7.63 -9.92 -3.78
C ALA B 84 -8.31 -9.31 -5.02
N SER B 85 -7.58 -9.04 -6.09
CA SER B 85 -8.24 -8.47 -7.24
C SER B 85 -8.52 -9.56 -8.27
N GLY B 86 -9.43 -9.26 -9.19
CA GLY B 86 -9.76 -10.26 -10.20
C GLY B 86 -8.57 -10.55 -11.09
N ALA B 87 -7.96 -9.53 -11.65
CA ALA B 87 -6.81 -9.78 -12.50
C ALA B 87 -5.74 -10.50 -11.67
N GLY B 88 -5.56 -10.08 -10.42
CA GLY B 88 -4.54 -10.70 -9.59
C GLY B 88 -4.69 -12.17 -9.36
N LYS B 89 -5.90 -12.61 -9.04
CA LYS B 89 -6.08 -14.01 -8.80
C LYS B 89 -6.01 -14.78 -10.12
N ALA B 90 -6.35 -14.14 -11.23
CA ALA B 90 -6.25 -14.84 -12.50
C ALA B 90 -4.79 -15.18 -12.79
N PHE B 91 -3.89 -14.21 -12.56
CA PHE B 91 -2.49 -14.47 -12.76
C PHE B 91 -2.01 -15.60 -11.85
N LEU B 92 -2.28 -15.43 -10.56
CA LEU B 92 -1.88 -16.42 -9.55
C LEU B 92 -2.34 -17.85 -9.80
N ALA B 93 -3.52 -18.00 -10.37
CA ALA B 93 -4.04 -19.31 -10.65
C ALA B 93 -3.20 -20.00 -11.72
N GLN B 94 -2.42 -19.25 -12.50
CA GLN B 94 -1.64 -19.87 -13.57
C GLN B 94 -0.31 -20.42 -13.08
N LEU B 95 0.02 -20.01 -11.86
CA LEU B 95 1.26 -20.39 -11.20
C LEU B 95 1.13 -21.71 -10.48
N SER B 96 2.27 -22.35 -10.23
CA SER B 96 2.29 -23.62 -9.51
C SER B 96 2.05 -23.30 -8.03
N GLU B 97 1.67 -24.32 -7.26
CA GLU B 97 1.45 -24.12 -5.86
C GLU B 97 2.75 -23.68 -5.20
N GLU B 98 3.90 -24.03 -5.74
CA GLU B 98 5.13 -23.59 -5.09
C GLU B 98 5.43 -22.12 -5.38
N GLN B 99 5.26 -21.68 -6.62
CA GLN B 99 5.54 -20.27 -6.93
C GLN B 99 4.55 -19.33 -6.23
N VAL B 100 3.36 -19.84 -5.90
CA VAL B 100 2.38 -19.03 -5.20
C VAL B 100 2.85 -18.76 -3.76
N THR B 101 3.42 -19.79 -3.11
CA THR B 101 3.93 -19.63 -1.75
C THR B 101 5.04 -18.58 -1.72
N LYS B 102 5.98 -18.72 -2.64
CA LYS B 102 7.13 -17.82 -2.71
C LYS B 102 6.78 -16.36 -2.96
N LEU B 103 5.63 -16.12 -3.57
CA LEU B 103 5.22 -14.75 -3.84
C LEU B 103 4.30 -14.22 -2.74
N LEU B 104 3.74 -15.12 -1.95
CA LEU B 104 2.89 -14.65 -0.90
C LEU B 104 3.74 -14.18 0.25
N HIS B 105 5.04 -14.40 0.18
CA HIS B 105 5.92 -13.97 1.27
C HIS B 105 6.35 -12.52 1.08
N ARG B 106 6.55 -12.14 -0.16
CA ARG B 106 6.96 -10.78 -0.49
C ARG B 106 5.79 -9.87 -0.83
N LYS B 107 4.57 -10.41 -0.82
CA LYS B 107 3.41 -9.58 -1.12
C LYS B 107 2.30 -9.67 -0.08
N GLY B 108 2.57 -10.41 0.99
CA GLY B 108 1.62 -10.56 2.08
C GLY B 108 0.17 -10.86 1.71
N LEU B 109 -0.68 -11.03 2.71
CA LEU B 109 -2.09 -11.34 2.48
C LEU B 109 -2.99 -10.39 3.28
N HIS B 110 -2.89 -9.10 3.01
CA HIS B 110 -3.69 -8.11 3.69
C HIS B 110 -5.19 -8.34 3.54
N ALA B 111 -5.94 -8.17 4.63
CA ALA B 111 -7.38 -8.35 4.60
C ALA B 111 -8.08 -7.04 4.22
N TYR B 112 -8.22 -6.79 2.92
CA TYR B 112 -8.89 -5.57 2.44
C TYR B 112 -10.32 -5.55 2.93
N THR B 113 -10.92 -6.73 3.12
CA THR B 113 -12.27 -6.82 3.64
C THR B 113 -12.49 -8.13 4.39
N HIS B 114 -13.68 -8.27 4.93
CA HIS B 114 -14.06 -9.46 5.68
C HIS B 114 -14.19 -10.69 4.76
N ALA B 115 -14.19 -10.44 3.44
CA ALA B 115 -14.32 -11.54 2.48
C ALA B 115 -12.98 -11.92 1.84
N THR B 116 -11.97 -11.06 2.03
CA THR B 116 -10.63 -11.29 1.50
C THR B 116 -10.04 -12.62 2.01
N LEU B 117 -9.51 -13.43 1.09
CA LEU B 117 -8.90 -14.71 1.47
C LEU B 117 -7.57 -14.38 2.17
N VAL B 118 -7.44 -14.76 3.44
CA VAL B 118 -6.20 -14.44 4.16
C VAL B 118 -5.42 -15.70 4.49
N SER B 119 -6.02 -16.85 4.19
CA SER B 119 -5.40 -18.15 4.41
C SER B 119 -4.95 -18.75 3.09
N PRO B 120 -3.63 -18.96 2.92
CA PRO B 120 -3.09 -19.55 1.70
C PRO B 120 -3.90 -20.79 1.30
N VAL B 121 -4.43 -21.49 2.28
CA VAL B 121 -5.23 -22.69 2.03
C VAL B 121 -6.47 -22.30 1.24
N HIS B 122 -7.28 -21.39 1.78
CA HIS B 122 -8.48 -20.94 1.09
C HIS B 122 -8.10 -20.35 -0.26
N LEU B 123 -7.07 -19.51 -0.26
CA LEU B 123 -6.57 -18.88 -1.45
C LEU B 123 -6.31 -19.96 -2.49
N LYS B 124 -5.48 -20.96 -2.17
CA LYS B 124 -5.18 -22.01 -3.15
C LYS B 124 -6.40 -22.79 -3.63
N GLU B 125 -7.39 -22.95 -2.76
CA GLU B 125 -8.58 -23.66 -3.17
C GLU B 125 -9.31 -22.78 -4.21
N ASP B 126 -9.32 -21.47 -3.97
CA ASP B 126 -9.96 -20.55 -4.89
C ASP B 126 -9.23 -20.53 -6.21
N LEU B 127 -7.92 -20.58 -6.14
CA LEU B 127 -7.12 -20.59 -7.35
C LEU B 127 -7.29 -21.90 -8.10
N ALA B 128 -7.71 -22.96 -7.43
CA ALA B 128 -7.91 -24.24 -8.10
C ALA B 128 -9.22 -24.17 -8.86
N GLN B 129 -10.20 -23.52 -8.26
CA GLN B 129 -11.51 -23.39 -8.84
C GLN B 129 -11.47 -22.43 -10.01
N THR B 130 -10.58 -21.45 -9.93
CA THR B 130 -10.43 -20.50 -11.00
C THR B 130 -9.95 -21.24 -12.27
N ARG B 131 -9.11 -22.25 -12.12
CA ARG B 131 -8.66 -22.95 -13.31
C ARG B 131 -9.82 -23.78 -13.84
N LYS B 132 -10.61 -24.39 -12.96
CA LYS B 132 -11.75 -25.16 -13.42
C LYS B 132 -12.81 -24.40 -14.18
N ARG B 133 -13.32 -23.30 -13.62
CA ARG B 133 -14.38 -22.51 -14.27
C ARG B 133 -13.93 -21.60 -15.40
N GLY B 134 -12.62 -21.36 -15.50
CA GLY B 134 -12.09 -20.52 -16.56
C GLY B 134 -11.88 -19.03 -16.31
N TYR B 135 -12.28 -18.52 -15.16
CA TYR B 135 -12.11 -17.08 -14.83
C TYR B 135 -11.95 -16.94 -13.32
N SER B 136 -11.36 -15.85 -12.89
CA SER B 136 -11.17 -15.61 -11.47
C SER B 136 -12.38 -14.81 -11.04
N PHE B 137 -12.64 -14.79 -9.75
CA PHE B 137 -13.79 -14.07 -9.21
C PHE B 137 -13.51 -13.47 -7.86
N ASP B 138 -13.37 -12.15 -7.87
CA ASP B 138 -13.14 -11.40 -6.65
C ASP B 138 -14.51 -10.91 -6.17
N ASP B 139 -14.99 -11.56 -5.11
CA ASP B 139 -16.30 -11.27 -4.55
C ASP B 139 -16.20 -10.38 -3.30
N GLU B 140 -16.10 -9.08 -3.53
CA GLU B 140 -15.98 -8.11 -2.48
C GLU B 140 -14.72 -8.31 -1.61
N GLU B 141 -13.69 -8.88 -2.23
CA GLU B 141 -12.42 -9.19 -1.56
C GLU B 141 -11.41 -8.06 -1.60
N HIS B 142 -11.67 -7.12 -2.50
CA HIS B 142 -10.83 -5.96 -2.66
C HIS B 142 -11.48 -4.68 -2.13
N ALA B 143 -12.80 -4.59 -2.21
CA ALA B 143 -13.55 -3.46 -1.74
C ALA B 143 -15.04 -3.89 -1.65
N LEU B 144 -15.73 -3.45 -0.59
CA LEU B 144 -17.15 -3.80 -0.40
C LEU B 144 -18.01 -3.25 -1.55
N GLY B 145 -18.98 -4.04 -2.01
CA GLY B 145 -19.85 -3.63 -3.09
C GLY B 145 -19.26 -3.84 -4.50
N LEU B 146 -17.99 -4.25 -4.57
CA LEU B 146 -17.29 -4.44 -5.84
C LEU B 146 -16.97 -5.88 -6.17
N ARG B 147 -17.28 -6.27 -7.41
CA ARG B 147 -17.02 -7.61 -7.91
C ARG B 147 -16.25 -7.48 -9.20
N CYS B 148 -15.37 -8.45 -9.45
CA CYS B 148 -14.52 -8.43 -10.61
C CYS B 148 -14.37 -9.87 -11.07
N LEU B 149 -14.37 -10.06 -12.40
CA LEU B 149 -14.21 -11.38 -13.00
C LEU B 149 -13.13 -11.17 -14.00
N ALA B 150 -12.22 -12.11 -14.13
CA ALA B 150 -11.12 -11.87 -15.01
C ALA B 150 -10.59 -13.15 -15.64
N ALA B 151 -9.82 -13.04 -16.71
CA ALA B 151 -9.20 -14.24 -17.33
C ALA B 151 -7.90 -13.82 -17.97
N CYS B 152 -6.89 -14.70 -17.93
CA CYS B 152 -5.60 -14.40 -18.49
C CYS B 152 -5.53 -14.57 -19.99
N ILE B 153 -4.52 -13.91 -20.54
CA ILE B 153 -4.22 -13.87 -21.95
C ILE B 153 -2.86 -14.55 -22.09
N PHE B 154 -2.74 -15.52 -23.03
CA PHE B 154 -1.50 -16.29 -23.14
C PHE B 154 -0.66 -16.09 -24.37
N ASP B 155 0.67 -16.18 -24.22
CA ASP B 155 1.59 -16.01 -25.35
C ASP B 155 1.91 -17.35 -25.95
N GLU B 156 2.80 -17.37 -26.94
CA GLU B 156 3.13 -18.65 -27.62
C GLU B 156 3.73 -19.69 -26.67
N HIS B 157 4.16 -19.29 -25.48
CA HIS B 157 4.71 -20.25 -24.52
C HIS B 157 3.66 -20.70 -23.49
N ARG B 158 2.40 -20.31 -23.72
CA ARG B 158 1.35 -20.69 -22.80
C ARG B 158 1.57 -20.05 -21.47
N GLU B 159 2.07 -18.84 -21.49
CA GLU B 159 2.29 -18.09 -20.27
C GLU B 159 1.44 -16.83 -20.23
N PRO B 160 0.94 -16.49 -19.05
CA PRO B 160 0.09 -15.31 -18.90
C PRO B 160 0.89 -14.07 -18.95
N PHE B 161 0.53 -13.14 -19.83
CA PHE B 161 1.23 -11.87 -19.94
C PHE B 161 0.24 -10.76 -19.84
N ALA B 162 -1.03 -11.12 -19.79
CA ALA B 162 -2.07 -10.11 -19.67
C ALA B 162 -3.33 -10.71 -19.07
N ALA B 163 -4.25 -9.84 -18.68
CA ALA B 163 -5.54 -10.26 -18.10
C ALA B 163 -6.65 -9.26 -18.37
N ILE B 164 -7.83 -9.76 -18.75
CA ILE B 164 -8.95 -8.89 -19.04
C ILE B 164 -10.02 -9.15 -18.04
N SER B 165 -10.62 -8.09 -17.55
CA SER B 165 -11.65 -8.26 -16.54
C SER B 165 -12.87 -7.33 -16.69
N ILE B 166 -13.89 -7.69 -15.94
CA ILE B 166 -15.12 -6.95 -15.84
C ILE B 166 -15.18 -6.59 -14.37
N SER B 167 -15.64 -5.37 -14.04
CA SER B 167 -15.74 -5.00 -12.64
C SER B 167 -16.92 -4.09 -12.47
N GLY B 168 -17.65 -4.30 -11.39
CA GLY B 168 -18.80 -3.44 -11.16
C GLY B 168 -19.38 -3.66 -9.79
N PRO B 169 -20.46 -2.96 -9.45
CA PRO B 169 -21.06 -3.14 -8.12
C PRO B 169 -21.90 -4.40 -8.06
N ILE B 170 -22.01 -4.96 -6.87
CA ILE B 170 -22.76 -6.16 -6.64
C ILE B 170 -24.25 -6.02 -6.97
N SER B 171 -24.77 -4.80 -6.97
CA SER B 171 -26.18 -4.61 -7.29
C SER B 171 -26.46 -4.85 -8.77
N ARG B 172 -25.41 -4.99 -9.57
CA ARG B 172 -25.62 -5.25 -10.97
C ARG B 172 -24.99 -6.59 -11.31
N ILE B 173 -23.84 -6.88 -10.73
CA ILE B 173 -23.18 -8.16 -10.98
C ILE B 173 -23.75 -9.02 -9.87
N THR B 174 -24.99 -9.48 -10.07
CA THR B 174 -25.68 -10.30 -9.09
C THR B 174 -25.28 -11.76 -9.12
N ASP B 175 -25.55 -12.46 -8.02
CA ASP B 175 -25.22 -13.90 -7.92
C ASP B 175 -25.72 -14.71 -9.14
N ASP B 176 -26.99 -14.53 -9.48
CA ASP B 176 -27.64 -15.24 -10.59
C ASP B 176 -26.90 -15.00 -11.89
N ARG B 177 -26.14 -13.93 -11.97
CA ARG B 177 -25.45 -13.57 -13.19
C ARG B 177 -23.94 -13.88 -13.29
N VAL B 178 -23.32 -14.33 -12.21
CA VAL B 178 -21.89 -14.57 -12.28
C VAL B 178 -21.42 -15.46 -13.38
N THR B 179 -21.91 -16.69 -13.47
CA THR B 179 -21.41 -17.58 -14.54
C THR B 179 -21.56 -16.99 -15.94
N GLU B 180 -22.63 -16.24 -16.16
CA GLU B 180 -22.89 -15.64 -17.45
C GLU B 180 -21.77 -14.61 -17.75
N PHE B 181 -21.54 -13.72 -16.80
CA PHE B 181 -20.47 -12.74 -16.91
C PHE B 181 -19.16 -13.50 -17.08
N GLY B 182 -19.04 -14.63 -16.39
CA GLY B 182 -17.84 -15.44 -16.49
C GLY B 182 -17.58 -15.83 -17.94
N ALA B 183 -18.63 -16.28 -18.63
CA ALA B 183 -18.50 -16.72 -20.02
C ALA B 183 -18.04 -15.61 -20.92
N VAL B 185 -16.06 -13.04 -20.12
CA VAL B 185 -14.65 -12.75 -19.93
C VAL B 185 -13.78 -13.88 -20.53
N ILE B 186 -14.19 -15.14 -20.36
CA ILE B 186 -13.46 -16.29 -20.93
C ILE B 186 -13.37 -16.06 -22.43
N LYS B 187 -14.52 -15.76 -23.03
CA LYS B 187 -14.61 -15.50 -24.47
C LYS B 187 -13.73 -14.29 -24.91
N ALA B 188 -13.81 -13.19 -24.16
CA ALA B 188 -13.02 -12.03 -24.48
C ALA B 188 -11.52 -12.35 -24.35
N ALA B 189 -11.12 -13.08 -23.32
CA ALA B 189 -9.69 -13.46 -23.14
C ALA B 189 -9.18 -14.31 -24.29
N LYS B 190 -10.01 -15.26 -24.70
CA LYS B 190 -9.67 -16.16 -25.80
C LYS B 190 -9.46 -15.32 -27.08
N GLU B 191 -10.34 -14.34 -27.29
CA GLU B 191 -10.25 -13.48 -28.48
C GLU B 191 -8.97 -12.68 -28.45
N VAL B 192 -8.55 -12.26 -27.26
CA VAL B 192 -7.31 -11.50 -27.11
C VAL B 192 -6.11 -12.43 -27.35
N THR B 193 -6.07 -13.55 -26.68
CA THR B 193 -5.00 -14.54 -26.90
C THR B 193 -4.89 -14.84 -28.40
N LEU B 194 -6.03 -15.13 -29.01
CA LEU B 194 -6.06 -15.42 -30.45
C LEU B 194 -5.52 -14.28 -31.33
N ALA B 195 -5.84 -13.04 -30.97
CA ALA B 195 -5.40 -11.86 -31.73
C ALA B 195 -3.88 -11.67 -31.66
N TYR B 196 -3.31 -12.03 -30.51
CA TYR B 196 -1.87 -11.98 -30.32
C TYR B 196 -1.28 -13.07 -31.24
N GLY B 197 -1.85 -14.26 -31.21
CA GLY B 197 -1.35 -15.30 -32.06
C GLY B 197 -1.41 -14.95 -33.55
N GLY B 198 -2.41 -14.16 -33.94
CA GLY B 198 -2.57 -13.82 -35.36
C GLY B 198 -1.63 -12.72 -35.77
N HIS C 22 -28.53 32.55 -10.83
CA HIS C 22 -27.46 32.55 -11.89
C HIS C 22 -26.10 32.06 -11.43
N SER C 24 -22.52 31.59 -12.18
CA SER C 24 -21.45 32.07 -13.06
C SER C 24 -20.23 31.17 -12.95
N ARG C 25 -19.25 31.34 -13.84
CA ARG C 25 -18.05 30.51 -13.78
C ARG C 25 -17.21 30.82 -12.56
N ASN C 26 -16.86 32.10 -12.44
CA ASN C 26 -16.05 32.64 -11.35
C ASN C 26 -16.51 32.08 -10.01
N LEU C 27 -17.83 32.01 -9.86
CA LEU C 27 -18.45 31.50 -8.65
C LEU C 27 -18.09 30.05 -8.39
N LEU C 28 -18.05 29.21 -9.42
CA LEU C 28 -17.68 27.82 -9.19
C LEU C 28 -16.29 27.68 -8.64
N ALA C 29 -15.36 28.51 -9.11
CA ALA C 29 -13.99 28.40 -8.63
C ALA C 29 -13.88 28.83 -7.18
N ILE C 30 -14.80 29.70 -6.77
CA ILE C 30 -14.78 30.20 -5.41
C ILE C 30 -15.37 29.17 -4.45
N VAL C 31 -16.35 28.41 -4.91
CA VAL C 31 -16.96 27.44 -4.04
C VAL C 31 -16.30 26.09 -4.05
N HIS C 32 -15.38 25.90 -4.97
CA HIS C 32 -14.71 24.61 -5.10
C HIS C 32 -14.20 24.04 -3.80
N PRO C 33 -13.47 24.83 -3.01
CA PRO C 33 -12.98 24.24 -1.77
C PRO C 33 -14.14 23.64 -0.95
N ILE C 34 -15.34 24.20 -1.07
CA ILE C 34 -16.49 23.69 -0.34
C ILE C 34 -16.75 22.25 -0.80
N LEU C 35 -16.88 22.07 -2.12
CA LEU C 35 -17.12 20.75 -2.68
C LEU C 35 -15.92 19.84 -2.37
N ARG C 36 -14.70 20.35 -2.43
CA ARG C 36 -13.57 19.49 -2.13
C ARG C 36 -13.65 18.96 -0.71
N ASN C 37 -13.93 19.86 0.22
CA ASN C 37 -14.02 19.48 1.64
C ASN C 37 -15.17 18.52 1.91
N LEU C 38 -16.28 18.74 1.22
CA LEU C 38 -17.45 17.91 1.38
C LEU C 38 -17.16 16.53 0.87
N GLU C 40 -14.00 15.12 0.81
CA GLU C 40 -13.06 14.52 1.74
C GLU C 40 -13.74 14.01 3.01
N GLU C 41 -14.60 14.83 3.58
CA GLU C 41 -15.30 14.41 4.77
C GLU C 41 -16.07 13.12 4.50
N SER C 42 -17.12 13.20 3.70
CA SER C 42 -17.96 12.03 3.42
C SER C 42 -17.26 10.85 2.75
N GLY C 43 -16.21 11.14 2.01
CA GLY C 43 -15.52 10.10 1.28
C GLY C 43 -16.30 9.67 0.04
N GLU C 44 -17.23 10.50 -0.44
CA GLU C 44 -18.02 10.14 -1.62
C GLU C 44 -17.99 11.27 -2.62
N THR C 45 -18.44 10.99 -3.84
CA THR C 45 -18.43 11.99 -4.88
C THR C 45 -19.45 13.11 -4.67
N VAL C 46 -18.98 14.35 -4.81
CA VAL C 46 -19.82 15.55 -4.66
C VAL C 46 -20.18 16.22 -6.01
N ASN C 47 -21.45 16.59 -6.16
CA ASN C 47 -21.89 17.28 -7.35
C ASN C 47 -22.56 18.64 -7.09
N ALA C 49 -25.44 21.10 -9.13
CA ALA C 49 -26.45 21.17 -10.17
C ALA C 49 -27.25 22.45 -10.07
N VAL C 50 -27.68 22.97 -11.22
CA VAL C 50 -28.52 24.15 -11.24
C VAL C 50 -29.90 23.75 -11.73
N LEU C 51 -30.89 24.54 -11.33
CA LEU C 51 -32.26 24.36 -11.71
C LEU C 51 -32.56 25.23 -12.90
N ASP C 52 -32.95 24.57 -13.99
CA ASP C 52 -33.29 25.24 -15.22
C ASP C 52 -34.73 25.67 -15.00
N GLN C 53 -34.95 26.97 -14.88
CA GLN C 53 -36.29 27.50 -14.61
C GLN C 53 -37.36 27.27 -15.68
N SER C 54 -36.92 27.08 -16.92
CA SER C 54 -37.80 26.88 -18.06
C SER C 54 -38.28 25.42 -18.24
N ASP C 55 -37.35 24.47 -18.35
CA ASP C 55 -37.72 23.07 -18.54
C ASP C 55 -37.79 22.25 -17.24
N HIS C 56 -37.63 22.92 -16.10
CA HIS C 56 -37.68 22.28 -14.78
C HIS C 56 -36.92 20.95 -14.77
N GLU C 57 -35.59 21.07 -14.83
CA GLU C 57 -34.70 19.90 -14.83
C GLU C 57 -33.38 20.26 -14.16
N ALA C 58 -32.70 19.29 -13.57
CA ALA C 58 -31.47 19.60 -12.89
C ALA C 58 -30.30 19.25 -13.77
N ILE C 59 -29.32 20.15 -13.82
CA ILE C 59 -28.14 19.91 -14.64
C ILE C 59 -26.87 20.01 -13.80
N ILE C 60 -26.02 19.00 -13.91
CA ILE C 60 -24.78 18.97 -13.15
C ILE C 60 -23.78 19.92 -13.80
N ILE C 61 -23.22 20.84 -13.02
CA ILE C 61 -22.31 21.78 -13.58
C ILE C 61 -20.96 21.71 -12.92
N ASP C 62 -20.84 20.90 -11.89
CA ASP C 62 -19.53 20.74 -11.28
C ASP C 62 -19.49 19.45 -10.57
N GLN C 63 -18.28 18.98 -10.29
CA GLN C 63 -18.08 17.70 -9.62
C GLN C 63 -16.70 17.42 -9.01
N VAL C 64 -16.69 16.88 -7.79
CA VAL C 64 -15.42 16.48 -7.17
C VAL C 64 -15.61 15.00 -6.81
N GLN C 65 -14.88 14.13 -7.47
CA GLN C 65 -14.98 12.68 -7.23
C GLN C 65 -14.15 12.16 -6.09
N CYS C 66 -14.62 11.10 -5.45
CA CYS C 66 -13.83 10.51 -4.38
C CYS C 66 -12.76 9.58 -4.98
N THR C 67 -11.94 8.93 -4.15
CA THR C 67 -10.90 8.06 -4.67
C THR C 67 -11.24 6.59 -4.68
N HIS C 68 -12.43 6.21 -4.25
CA HIS C 68 -12.83 4.81 -4.28
C HIS C 68 -12.86 4.25 -5.72
N LEU C 69 -12.41 3.01 -5.87
CA LEU C 69 -12.42 2.41 -7.20
C LEU C 69 -13.85 2.35 -7.73
N ARG C 71 -17.39 4.10 -7.59
CA ARG C 71 -18.03 5.33 -7.15
C ARG C 71 -19.01 5.89 -8.16
N SER C 73 -20.00 8.74 -10.73
CA SER C 73 -19.23 9.67 -11.53
C SER C 73 -20.05 10.09 -12.71
N ALA C 74 -20.62 11.29 -12.62
CA ALA C 74 -21.48 11.79 -13.70
C ALA C 74 -20.77 12.69 -14.65
N PRO C 75 -21.31 12.82 -15.87
CA PRO C 75 -20.73 13.68 -16.90
C PRO C 75 -21.22 15.10 -16.64
N ILE C 76 -20.30 16.05 -16.76
CA ILE C 76 -20.66 17.42 -16.55
C ILE C 76 -21.63 17.81 -17.65
N GLY C 77 -22.73 18.44 -17.26
CA GLY C 77 -23.72 18.84 -18.21
C GLY C 77 -24.79 17.77 -18.25
N GLY C 78 -24.54 16.65 -17.57
CA GLY C 78 -25.52 15.60 -17.56
C GLY C 78 -26.78 15.99 -16.79
N LYS C 79 -27.94 15.48 -17.18
CA LYS C 79 -29.17 15.82 -16.47
C LYS C 79 -29.51 14.80 -15.39
N LEU C 80 -30.45 15.16 -14.53
CA LEU C 80 -30.93 14.32 -13.43
C LEU C 80 -32.46 14.45 -13.35
N PRO C 81 -33.16 13.35 -13.06
CA PRO C 81 -34.62 13.37 -12.96
C PRO C 81 -35.06 14.16 -11.73
N HIS C 83 -37.86 13.82 -9.96
CA HIS C 83 -38.56 12.95 -9.02
C HIS C 83 -37.74 11.80 -8.43
N ALA C 84 -36.77 11.32 -9.18
CA ALA C 84 -35.96 10.26 -8.65
C ALA C 84 -34.49 10.64 -8.53
N SER C 85 -34.16 11.80 -8.00
CA SER C 85 -32.74 12.11 -7.83
C SER C 85 -32.55 13.02 -6.64
N GLY C 86 -31.38 13.00 -6.04
CA GLY C 86 -31.17 13.87 -4.90
C GLY C 86 -31.39 15.34 -5.21
N ALA C 87 -30.60 15.91 -6.12
CA ALA C 87 -30.79 17.31 -6.44
C ALA C 87 -32.25 17.49 -6.94
N GLY C 88 -32.72 16.55 -7.73
CA GLY C 88 -34.07 16.66 -8.26
C GLY C 88 -35.10 16.82 -7.17
N LYS C 89 -35.13 15.86 -6.26
CA LYS C 89 -36.10 15.95 -5.20
C LYS C 89 -35.83 17.19 -4.35
N ALA C 90 -34.58 17.60 -4.26
CA ALA C 90 -34.27 18.80 -3.47
C ALA C 90 -34.96 20.01 -4.13
N PHE C 91 -34.85 20.15 -5.45
CA PHE C 91 -35.51 21.26 -6.12
C PHE C 91 -37.03 21.03 -6.03
N LEU C 92 -37.47 19.90 -6.57
CA LEU C 92 -38.85 19.49 -6.59
C LEU C 92 -39.61 19.80 -5.30
N ALA C 93 -38.92 19.74 -4.17
CA ALA C 93 -39.57 19.98 -2.89
C ALA C 93 -39.65 21.44 -2.50
N GLN C 94 -39.34 22.35 -3.40
CA GLN C 94 -39.39 23.77 -3.05
C GLN C 94 -40.57 24.47 -3.71
N LEU C 95 -41.00 23.90 -4.83
CA LEU C 95 -42.11 24.44 -5.60
C LEU C 95 -43.44 24.32 -4.83
N SER C 96 -44.52 24.16 -5.59
CA SER C 96 -45.85 24.03 -5.01
C SER C 96 -46.56 22.96 -5.79
N GLU C 97 -47.71 22.53 -5.30
CA GLU C 97 -48.51 21.47 -5.94
C GLU C 97 -48.60 21.63 -7.46
N GLU C 98 -49.23 22.73 -7.90
CA GLU C 98 -49.41 22.99 -9.32
C GLU C 98 -48.08 22.79 -10.09
N GLN C 99 -47.06 23.59 -9.74
CA GLN C 99 -45.75 23.51 -10.41
C GLN C 99 -45.36 22.05 -10.58
N VAL C 100 -45.61 21.26 -9.52
CA VAL C 100 -45.32 19.85 -9.53
C VAL C 100 -46.24 19.13 -10.51
N THR C 101 -47.53 19.44 -10.45
CA THR C 101 -48.55 18.84 -11.31
C THR C 101 -48.19 18.98 -12.81
N LYS C 102 -47.74 20.18 -13.19
CA LYS C 102 -47.34 20.43 -14.57
C LYS C 102 -46.25 19.42 -14.95
N LEU C 103 -45.18 19.40 -14.16
CA LEU C 103 -44.09 18.49 -14.42
C LEU C 103 -44.59 17.06 -14.36
N LEU C 104 -45.52 16.80 -13.44
CA LEU C 104 -46.11 15.46 -13.28
C LEU C 104 -46.67 14.91 -14.60
N HIS C 105 -47.34 15.78 -15.35
CA HIS C 105 -47.95 15.37 -16.61
C HIS C 105 -47.07 15.71 -17.83
N ARG C 106 -46.10 16.59 -17.63
CA ARG C 106 -45.15 16.97 -18.69
C ARG C 106 -44.08 15.88 -18.83
N LYS C 107 -43.03 15.98 -18.02
CA LYS C 107 -41.93 15.01 -18.03
C LYS C 107 -42.42 13.56 -17.72
N GLY C 108 -43.23 13.41 -16.67
CA GLY C 108 -43.78 12.11 -16.29
C GLY C 108 -43.19 11.58 -14.98
N LEU C 109 -43.31 10.28 -14.76
CA LEU C 109 -42.73 9.66 -13.56
C LEU C 109 -42.12 8.32 -13.95
N HIS C 110 -41.09 8.38 -14.75
CA HIS C 110 -40.40 7.19 -15.20
C HIS C 110 -39.93 6.44 -13.96
N ALA C 111 -40.01 5.11 -14.02
CA ALA C 111 -39.57 4.28 -12.91
C ALA C 111 -38.19 3.72 -13.26
N TYR C 112 -37.14 4.26 -12.65
CA TYR C 112 -35.80 3.78 -12.94
C TYR C 112 -35.56 2.49 -12.18
N THR C 113 -36.01 2.45 -10.93
CA THR C 113 -35.85 1.27 -10.09
C THR C 113 -37.17 1.03 -9.35
N HIS C 114 -37.36 -0.18 -8.82
CA HIS C 114 -38.57 -0.49 -8.10
C HIS C 114 -38.76 0.48 -6.95
N ALA C 115 -37.66 1.09 -6.50
CA ALA C 115 -37.68 2.05 -5.40
C ALA C 115 -38.13 3.45 -5.79
N THR C 116 -38.26 3.69 -7.10
CA THR C 116 -38.65 4.99 -7.60
C THR C 116 -40.11 5.29 -7.23
N LEU C 117 -40.34 6.50 -6.73
CA LEU C 117 -41.68 6.91 -6.36
C LEU C 117 -42.46 7.35 -7.61
N VAL C 118 -43.40 6.52 -8.06
CA VAL C 118 -44.20 6.88 -9.23
C VAL C 118 -45.61 7.30 -8.81
N SER C 119 -45.84 7.32 -7.51
CA SER C 119 -47.11 7.70 -6.91
C SER C 119 -47.09 9.14 -6.39
N PRO C 120 -47.79 10.05 -7.08
CA PRO C 120 -47.84 11.46 -6.68
C PRO C 120 -48.02 11.63 -5.19
N VAL C 121 -48.77 10.70 -4.62
CA VAL C 121 -49.04 10.72 -3.20
C VAL C 121 -47.75 10.57 -2.41
N HIS C 122 -47.14 9.40 -2.54
CA HIS C 122 -45.90 9.12 -1.82
C HIS C 122 -44.83 10.18 -2.09
N LEU C 123 -44.61 10.52 -3.36
CA LEU C 123 -43.62 11.53 -3.72
C LEU C 123 -43.83 12.80 -2.90
N LYS C 124 -45.04 13.35 -2.96
CA LYS C 124 -45.33 14.57 -2.22
C LYS C 124 -44.97 14.45 -0.75
N GLU C 125 -45.23 13.28 -0.18
CA GLU C 125 -44.93 13.04 1.22
C GLU C 125 -43.44 13.09 1.48
N ASP C 126 -42.67 12.42 0.62
CA ASP C 126 -41.21 12.44 0.74
C ASP C 126 -40.78 13.89 0.60
N LEU C 127 -41.36 14.57 -0.39
CA LEU C 127 -41.03 15.98 -0.60
C LEU C 127 -41.29 16.77 0.67
N ALA C 128 -42.37 16.41 1.36
CA ALA C 128 -42.72 17.08 2.59
C ALA C 128 -41.67 16.77 3.68
N GLN C 129 -41.24 15.51 3.74
CA GLN C 129 -40.23 15.06 4.71
C GLN C 129 -38.89 15.71 4.39
N THR C 130 -38.70 15.97 3.10
CA THR C 130 -37.49 16.61 2.66
C THR C 130 -37.41 17.98 3.30
N ARG C 131 -38.49 18.77 3.18
CA ARG C 131 -38.51 20.11 3.74
C ARG C 131 -38.29 20.01 5.23
N LYS C 132 -39.01 19.11 5.86
CA LYS C 132 -38.87 18.94 7.29
C LYS C 132 -37.44 18.69 7.76
N ARG C 133 -36.70 17.77 7.14
CA ARG C 133 -35.31 17.49 7.57
C ARG C 133 -34.29 18.42 6.94
N GLY C 134 -34.67 19.05 5.82
CA GLY C 134 -33.79 20.02 5.15
C GLY C 134 -32.89 19.52 4.04
N TYR C 135 -32.68 18.21 3.99
CA TYR C 135 -31.84 17.54 3.01
C TYR C 135 -32.67 16.49 2.28
N SER C 136 -32.43 16.29 0.98
CA SER C 136 -33.20 15.25 0.24
C SER C 136 -32.45 13.93 0.32
N PHE C 137 -33.15 12.84 0.04
CA PHE C 137 -32.53 11.55 0.11
C PHE C 137 -33.07 10.63 -0.96
N ASP C 138 -32.19 10.28 -1.88
CA ASP C 138 -32.48 9.37 -2.98
C ASP C 138 -31.91 8.03 -2.55
N ASP C 139 -32.78 7.15 -2.04
CA ASP C 139 -32.38 5.82 -1.57
C ASP C 139 -32.59 4.80 -2.68
N GLU C 140 -31.61 4.69 -3.57
CA GLU C 140 -31.75 3.77 -4.67
C GLU C 140 -32.97 4.06 -5.56
N GLU C 141 -33.33 5.33 -5.74
CA GLU C 141 -34.47 5.70 -6.59
C GLU C 141 -34.09 5.94 -8.04
N HIS C 142 -32.82 6.26 -8.26
CA HIS C 142 -32.32 6.52 -9.61
C HIS C 142 -31.70 5.27 -10.23
N ALA C 143 -30.99 4.52 -9.40
CA ALA C 143 -30.32 3.30 -9.81
C ALA C 143 -30.15 2.42 -8.60
N LEU C 144 -30.22 1.11 -8.79
CA LEU C 144 -30.04 0.19 -7.67
C LEU C 144 -28.65 0.35 -7.10
N GLY C 145 -28.56 0.24 -5.78
CA GLY C 145 -27.28 0.38 -5.12
C GLY C 145 -26.76 1.81 -5.01
N LEU C 146 -27.48 2.82 -5.50
CA LEU C 146 -26.97 4.19 -5.40
C LEU C 146 -27.77 5.10 -4.45
N ARG C 147 -27.05 5.80 -3.60
CA ARG C 147 -27.68 6.73 -2.66
C ARG C 147 -27.16 8.15 -2.82
N CYS C 148 -28.06 9.11 -2.65
CA CYS C 148 -27.72 10.52 -2.76
C CYS C 148 -28.46 11.44 -1.76
N LEU C 149 -27.74 12.40 -1.20
CA LEU C 149 -28.34 13.37 -0.30
C LEU C 149 -28.02 14.74 -0.92
N ALA C 150 -28.99 15.63 -0.94
CA ALA C 150 -28.77 16.95 -1.54
C ALA C 150 -29.54 18.04 -0.86
N ALA C 151 -28.98 19.24 -0.79
CA ALA C 151 -29.68 20.40 -0.21
C ALA C 151 -29.64 21.55 -1.23
N CYS C 152 -30.62 22.44 -1.17
CA CYS C 152 -30.71 23.57 -2.09
C CYS C 152 -29.78 24.69 -1.74
N ILE C 153 -29.57 25.57 -2.72
CA ILE C 153 -28.71 26.73 -2.59
C ILE C 153 -29.53 27.92 -3.01
N PHE C 154 -29.55 28.98 -2.20
CA PHE C 154 -30.36 30.16 -2.48
C PHE C 154 -29.58 31.45 -2.75
N ASP C 155 -30.15 32.31 -3.61
CA ASP C 155 -29.50 33.59 -3.94
C ASP C 155 -29.69 34.61 -2.82
N GLU C 156 -29.39 35.89 -3.11
CA GLU C 156 -29.55 36.92 -2.08
C GLU C 156 -31.03 37.31 -1.89
N HIS C 157 -31.91 36.63 -2.62
CA HIS C 157 -33.35 36.85 -2.55
C HIS C 157 -34.00 35.53 -2.17
N ARG C 158 -33.16 34.61 -1.68
CA ARG C 158 -33.54 33.26 -1.26
C ARG C 158 -34.51 32.57 -2.21
N GLU C 159 -34.01 32.28 -3.40
CA GLU C 159 -34.81 31.55 -4.40
C GLU C 159 -33.95 30.35 -4.76
N PRO C 160 -34.58 29.19 -4.98
CA PRO C 160 -33.86 27.97 -5.33
C PRO C 160 -33.39 27.94 -6.79
N PHE C 161 -32.07 27.86 -7.00
CA PHE C 161 -31.53 27.78 -8.36
C PHE C 161 -30.39 26.75 -8.49
N ALA C 162 -29.76 26.39 -7.37
CA ALA C 162 -28.65 25.42 -7.35
C ALA C 162 -28.81 24.38 -6.21
N ALA C 163 -28.04 23.30 -6.25
CA ALA C 163 -28.13 22.28 -5.20
C ALA C 163 -26.87 21.46 -5.09
N ILE C 164 -26.39 21.24 -3.88
CA ILE C 164 -25.20 20.43 -3.74
C ILE C 164 -25.56 19.01 -3.27
N SER C 165 -24.74 18.03 -3.61
CA SER C 165 -25.02 16.65 -3.23
C SER C 165 -23.80 15.71 -3.08
N ILE C 166 -24.04 14.61 -2.35
CA ILE C 166 -23.09 13.55 -2.09
C ILE C 166 -23.78 12.34 -2.65
N SER C 167 -23.03 11.56 -3.43
CA SER C 167 -23.59 10.38 -4.05
C SER C 167 -22.64 9.24 -3.95
N GLY C 168 -23.16 8.08 -3.59
CA GLY C 168 -22.30 6.92 -3.48
C GLY C 168 -23.07 5.65 -3.34
N PRO C 169 -22.33 4.53 -3.31
CA PRO C 169 -22.95 3.20 -3.17
C PRO C 169 -23.46 2.94 -1.75
N ILE C 170 -24.58 2.22 -1.65
CA ILE C 170 -25.12 1.92 -0.32
C ILE C 170 -24.14 1.07 0.48
N SER C 171 -23.22 0.41 -0.20
CA SER C 171 -22.25 -0.40 0.55
C SER C 171 -21.39 0.51 1.44
N ARG C 172 -21.36 1.81 1.15
CA ARG C 172 -20.60 2.74 2.00
C ARG C 172 -21.47 3.77 2.70
N ILE C 173 -22.55 4.19 2.04
CA ILE C 173 -23.45 5.14 2.65
C ILE C 173 -24.54 4.30 3.32
N THR C 174 -24.19 3.74 4.46
CA THR C 174 -25.11 2.88 5.22
C THR C 174 -26.17 3.61 6.01
N ASP C 175 -27.31 2.96 6.19
CA ASP C 175 -28.43 3.54 6.92
C ASP C 175 -28.06 4.38 8.14
N ASP C 176 -27.03 3.97 8.88
CA ASP C 176 -26.61 4.70 10.06
C ASP C 176 -25.67 5.86 9.76
N ARG C 177 -25.58 6.26 8.49
CA ARG C 177 -24.74 7.38 8.12
C ARG C 177 -25.51 8.47 7.34
N VAL C 178 -26.77 8.18 7.00
CA VAL C 178 -27.65 9.09 6.25
C VAL C 178 -27.81 10.46 6.92
N THR C 179 -28.36 10.50 8.12
CA THR C 179 -28.53 11.78 8.79
C THR C 179 -27.17 12.47 8.96
N GLU C 180 -26.13 11.68 9.16
CA GLU C 180 -24.76 12.15 9.30
C GLU C 180 -24.35 12.90 8.00
N PHE C 181 -24.67 12.28 6.86
CA PHE C 181 -24.38 12.83 5.54
C PHE C 181 -25.36 13.96 5.31
N GLY C 182 -26.60 13.76 5.75
CA GLY C 182 -27.60 14.80 5.59
C GLY C 182 -27.17 16.11 6.27
N ALA C 183 -26.47 16.01 7.38
CA ALA C 183 -26.04 17.23 8.06
C ALA C 183 -24.92 17.86 7.27
N VAL C 185 -24.32 17.94 4.00
CA VAL C 185 -24.79 18.68 2.83
C VAL C 185 -25.57 19.92 3.21
N ILE C 186 -26.16 19.94 4.40
CA ILE C 186 -26.93 21.11 4.85
C ILE C 186 -25.89 22.18 5.06
N LYS C 187 -24.88 21.83 5.85
CA LYS C 187 -23.82 22.78 6.14
C LYS C 187 -23.20 23.29 4.84
N ALA C 188 -22.73 22.39 3.97
CA ALA C 188 -22.12 22.78 2.69
C ALA C 188 -22.96 23.75 1.86
N ALA C 189 -24.24 23.41 1.70
CA ALA C 189 -25.19 24.23 0.94
C ALA C 189 -25.25 25.64 1.56
N LYS C 190 -25.24 25.71 2.88
CA LYS C 190 -25.25 27.00 3.56
C LYS C 190 -23.92 27.71 3.27
N GLU C 191 -22.80 27.02 3.46
CA GLU C 191 -21.49 27.62 3.19
C GLU C 191 -21.33 28.09 1.74
N VAL C 192 -22.28 27.71 0.89
CA VAL C 192 -22.25 28.13 -0.50
C VAL C 192 -23.16 29.34 -0.58
N THR C 193 -24.36 29.22 -0.04
CA THR C 193 -25.34 30.30 -0.05
C THR C 193 -24.73 31.54 0.57
N LEU C 194 -23.90 31.33 1.59
CA LEU C 194 -23.20 32.40 2.26
C LEU C 194 -22.17 33.02 1.32
N ALA C 195 -21.14 32.26 0.96
CA ALA C 195 -20.09 32.75 0.04
C ALA C 195 -20.69 33.42 -1.22
N TYR C 196 -21.86 32.96 -1.65
CA TYR C 196 -22.51 33.54 -2.82
C TYR C 196 -23.01 34.92 -2.52
N GLY C 197 -23.37 35.16 -1.27
CA GLY C 197 -23.87 36.46 -0.89
C GLY C 197 -22.83 37.52 -1.17
N GLY C 198 -21.67 37.39 -0.51
CA GLY C 198 -20.58 38.34 -0.67
C GLY C 198 -19.71 38.10 -1.89
N GLY D 21 42.49 -11.11 -3.35
CA GLY D 21 42.55 -10.72 -4.78
C GLY D 21 42.11 -11.80 -5.76
N HIS D 22 42.16 -13.06 -5.33
CA HIS D 22 41.76 -14.22 -6.13
C HIS D 22 40.38 -14.03 -6.77
N SER D 24 39.10 -11.23 -8.30
CA SER D 24 39.38 -9.96 -8.95
C SER D 24 38.17 -9.08 -9.25
N ARG D 25 38.39 -7.79 -9.41
CA ARG D 25 37.29 -6.92 -9.74
C ARG D 25 36.64 -7.30 -11.08
N ASN D 26 37.40 -7.96 -11.95
CA ASN D 26 36.87 -8.41 -13.23
C ASN D 26 35.88 -9.54 -13.00
N LEU D 27 36.26 -10.43 -12.10
CA LEU D 27 35.40 -11.55 -11.79
C LEU D 27 34.14 -11.08 -11.03
N LEU D 28 34.31 -10.11 -10.16
CA LEU D 28 33.19 -9.56 -9.40
C LEU D 28 32.18 -8.97 -10.37
N ALA D 29 32.67 -8.31 -11.41
CA ALA D 29 31.76 -7.73 -12.38
C ALA D 29 31.10 -8.86 -13.16
N ILE D 30 31.87 -9.88 -13.49
CA ILE D 30 31.31 -11.04 -14.21
C ILE D 30 30.24 -11.73 -13.38
N VAL D 31 30.42 -11.80 -12.09
CA VAL D 31 29.45 -12.50 -11.25
C VAL D 31 28.40 -11.56 -10.68
N HIS D 32 28.59 -10.26 -10.90
CA HIS D 32 27.64 -9.33 -10.35
C HIS D 32 26.18 -9.71 -10.53
N PRO D 33 25.76 -10.00 -11.77
CA PRO D 33 24.35 -10.37 -12.00
C PRO D 33 23.80 -11.46 -11.06
N ILE D 34 24.67 -12.40 -10.70
CA ILE D 34 24.30 -13.49 -9.79
C ILE D 34 23.93 -12.98 -8.37
N LEU D 35 24.75 -12.07 -7.83
CA LEU D 35 24.48 -11.51 -6.50
C LEU D 35 23.20 -10.70 -6.57
N ARG D 36 23.05 -9.90 -7.62
CA ARG D 36 21.87 -9.06 -7.83
C ARG D 36 20.64 -9.93 -7.90
N ASN D 37 20.71 -11.01 -8.68
CA ASN D 37 19.58 -11.91 -8.77
C ASN D 37 19.25 -12.50 -7.41
N LEU D 38 20.29 -12.97 -6.71
CA LEU D 38 20.11 -13.54 -5.37
C LEU D 38 19.44 -12.53 -4.44
N GLU D 40 17.46 -10.03 -5.30
CA GLU D 40 16.06 -9.87 -5.64
C GLU D 40 15.21 -11.11 -5.30
N GLU D 41 15.74 -12.30 -5.53
CA GLU D 41 15.00 -13.50 -5.19
C GLU D 41 14.80 -13.63 -3.69
N SER D 42 15.85 -13.35 -2.92
CA SER D 42 15.74 -13.49 -1.45
C SER D 42 15.04 -12.32 -0.71
N GLY D 43 15.13 -11.14 -1.29
CA GLY D 43 14.55 -9.98 -0.62
C GLY D 43 15.50 -9.47 0.49
N GLU D 44 16.72 -10.00 0.51
CA GLU D 44 17.75 -9.64 1.52
C GLU D 44 19.15 -9.30 0.98
N THR D 45 19.94 -8.60 1.80
CA THR D 45 21.28 -8.22 1.40
C THR D 45 22.18 -9.43 1.13
N VAL D 46 22.91 -9.33 0.03
CA VAL D 46 23.82 -10.38 -0.43
C VAL D 46 25.24 -9.92 -0.30
N ASN D 47 26.11 -10.80 0.19
CA ASN D 47 27.52 -10.46 0.31
C ASN D 47 28.42 -11.52 -0.27
N ALA D 49 32.36 -12.76 0.33
CA ALA D 49 33.45 -12.60 1.26
C ALA D 49 34.57 -13.55 0.90
N VAL D 50 35.81 -13.18 1.23
CA VAL D 50 36.96 -14.08 1.05
C VAL D 50 37.56 -14.34 2.43
N LEU D 51 38.42 -15.36 2.52
CA LEU D 51 39.09 -15.77 3.75
C LEU D 51 40.46 -15.12 3.97
N ASP D 52 40.60 -14.45 5.11
CA ASP D 52 41.87 -13.79 5.43
C ASP D 52 42.94 -14.80 5.82
N GLN D 53 43.91 -15.01 4.93
CA GLN D 53 45.00 -15.96 5.17
C GLN D 53 45.62 -15.71 6.54
N SER D 54 46.13 -14.49 6.72
CA SER D 54 46.72 -14.12 8.00
C SER D 54 45.71 -14.39 9.14
N ASP D 55 44.95 -13.36 9.53
CA ASP D 55 43.93 -13.50 10.58
C ASP D 55 42.74 -14.30 10.08
N HIS D 56 42.72 -15.60 10.38
CA HIS D 56 41.64 -16.49 9.94
C HIS D 56 40.26 -15.96 10.33
N GLU D 57 39.65 -15.27 9.36
CA GLU D 57 38.36 -14.61 9.43
C GLU D 57 37.91 -14.24 8.02
N ALA D 58 36.62 -14.05 7.86
CA ALA D 58 36.05 -13.69 6.56
C ALA D 58 36.00 -12.20 6.37
N ILE D 59 36.29 -11.76 5.16
CA ILE D 59 36.25 -10.36 4.91
C ILE D 59 35.33 -10.08 3.74
N ILE D 60 34.46 -9.11 3.93
CA ILE D 60 33.50 -8.73 2.92
C ILE D 60 34.23 -8.01 1.76
N ILE D 61 34.00 -8.43 0.51
CA ILE D 61 34.63 -7.76 -0.63
C ILE D 61 33.62 -7.15 -1.60
N ASP D 62 32.37 -7.61 -1.54
CA ASP D 62 31.32 -7.08 -2.40
C ASP D 62 30.03 -7.22 -1.61
N GLN D 63 28.99 -6.52 -2.04
CA GLN D 63 27.70 -6.56 -1.38
C GLN D 63 26.60 -5.96 -2.27
N VAL D 64 25.42 -6.57 -2.28
CA VAL D 64 24.28 -5.98 -2.98
C VAL D 64 23.22 -5.92 -1.87
N GLN D 65 22.82 -4.72 -1.49
CA GLN D 65 21.82 -4.52 -0.45
C GLN D 65 20.42 -4.69 -0.93
N CYS D 66 19.56 -5.24 -0.07
CA CYS D 66 18.17 -5.36 -0.45
C CYS D 66 17.64 -3.97 -0.24
N THR D 67 16.39 -3.77 -0.58
CA THR D 67 15.80 -2.44 -0.46
C THR D 67 15.02 -2.11 0.83
N HIS D 68 14.86 -3.06 1.74
CA HIS D 68 14.11 -2.79 2.98
C HIS D 68 14.73 -1.71 3.88
N LEU D 69 13.83 -0.93 4.47
CA LEU D 69 14.19 0.11 5.40
C LEU D 69 15.05 -0.51 6.51
N ARG D 71 17.54 -3.55 7.39
CA ARG D 71 18.29 -4.65 6.79
C ARG D 71 19.72 -4.74 7.33
N SER D 73 23.67 -4.35 6.69
CA SER D 73 24.45 -3.56 5.77
C SER D 73 25.84 -3.36 6.30
N ALA D 74 26.75 -4.18 5.84
CA ALA D 74 28.11 -4.10 6.31
C ALA D 74 28.97 -3.35 5.34
N PRO D 75 30.07 -2.80 5.83
CA PRO D 75 31.01 -2.05 4.99
C PRO D 75 31.96 -3.01 4.27
N ILE D 76 32.48 -2.59 3.14
CA ILE D 76 33.42 -3.42 2.38
C ILE D 76 34.69 -3.38 3.27
N GLY D 77 35.33 -4.52 3.49
CA GLY D 77 36.48 -4.56 4.36
C GLY D 77 36.10 -5.08 5.77
N GLY D 78 34.82 -5.01 6.12
CA GLY D 78 34.37 -5.49 7.42
C GLY D 78 34.75 -6.93 7.67
N LYS D 79 35.08 -7.29 8.91
CA LYS D 79 35.47 -8.67 9.17
C LYS D 79 34.42 -9.46 9.93
N LEU D 80 34.27 -10.74 9.57
CA LEU D 80 33.31 -11.61 10.20
C LEU D 80 33.96 -12.80 10.91
N PRO D 81 33.45 -13.13 12.09
CA PRO D 81 33.99 -14.24 12.89
C PRO D 81 33.83 -15.53 12.18
N HIS D 83 33.54 -18.43 13.66
CA HIS D 83 32.63 -19.36 14.34
C HIS D 83 31.18 -18.91 14.55
N ALA D 84 30.91 -17.65 14.24
CA ALA D 84 29.59 -17.12 14.45
C ALA D 84 28.96 -16.34 13.27
N SER D 85 29.60 -16.31 12.11
CA SER D 85 28.96 -15.63 11.00
C SER D 85 28.66 -16.72 9.97
N GLY D 86 27.80 -16.41 9.01
CA GLY D 86 27.48 -17.40 8.02
C GLY D 86 28.66 -17.66 7.11
N ALA D 87 29.31 -16.60 6.61
CA ALA D 87 30.44 -16.81 5.75
C ALA D 87 31.53 -17.54 6.51
N GLY D 88 31.70 -17.21 7.79
CA GLY D 88 32.74 -17.81 8.60
C GLY D 88 32.64 -19.29 8.74
N LYS D 89 31.45 -19.75 9.15
CA LYS D 89 31.19 -21.18 9.34
C LYS D 89 31.15 -21.95 8.04
N ALA D 90 30.92 -21.28 6.90
CA ALA D 90 30.91 -22.03 5.65
C ALA D 90 32.35 -22.39 5.30
N PHE D 91 33.25 -21.43 5.49
CA PHE D 91 34.66 -21.68 5.27
C PHE D 91 35.07 -22.73 6.28
N LEU D 92 34.86 -22.44 7.55
CA LEU D 92 35.19 -23.37 8.62
C LEU D 92 34.75 -24.82 8.36
N ALA D 93 33.57 -25.01 7.80
CA ALA D 93 33.15 -26.37 7.56
C ALA D 93 33.95 -27.10 6.45
N GLN D 94 34.78 -26.40 5.70
CA GLN D 94 35.58 -27.01 4.64
C GLN D 94 36.90 -27.63 5.13
N LEU D 95 37.21 -27.42 6.40
CA LEU D 95 38.46 -27.89 7.01
C LEU D 95 38.34 -29.22 7.74
N SER D 96 39.47 -29.83 8.07
CA SER D 96 39.39 -31.10 8.80
C SER D 96 39.09 -30.80 10.26
N GLU D 97 38.65 -31.82 11.00
CA GLU D 97 38.34 -31.65 12.41
C GLU D 97 39.55 -31.17 13.15
N GLU D 98 40.71 -31.64 12.74
CA GLU D 98 41.94 -31.23 13.40
C GLU D 98 42.32 -29.76 13.17
N GLN D 99 42.08 -29.26 11.96
CA GLN D 99 42.40 -27.86 11.66
C GLN D 99 41.40 -26.92 12.36
N VAL D 100 40.19 -27.42 12.56
CA VAL D 100 39.18 -26.67 13.25
C VAL D 100 39.62 -26.50 14.71
N THR D 101 39.96 -27.61 15.38
CA THR D 101 40.40 -27.54 16.78
C THR D 101 41.61 -26.64 16.95
N LYS D 102 42.49 -26.59 15.95
CA LYS D 102 43.63 -25.70 16.08
C LYS D 102 43.15 -24.26 16.04
N LEU D 103 42.27 -23.94 15.09
CA LEU D 103 41.72 -22.60 14.98
C LEU D 103 41.00 -22.18 16.23
N LEU D 104 40.19 -23.06 16.78
CA LEU D 104 39.45 -22.74 17.99
C LEU D 104 40.46 -22.35 19.04
N HIS D 105 41.54 -23.13 19.09
CA HIS D 105 42.61 -22.91 20.02
C HIS D 105 43.21 -21.49 19.89
N ARG D 106 43.47 -21.05 18.68
CA ARG D 106 44.09 -19.73 18.48
C ARG D 106 43.20 -18.51 18.42
N LYS D 107 41.97 -18.66 17.96
CA LYS D 107 41.09 -17.53 17.84
C LYS D 107 40.09 -17.49 18.99
N GLY D 108 39.62 -18.66 19.40
CA GLY D 108 38.67 -18.74 20.47
C GLY D 108 37.25 -18.82 19.93
N LEU D 109 36.28 -18.87 20.85
CA LEU D 109 34.88 -18.92 20.47
C LEU D 109 34.10 -17.90 21.27
N HIS D 110 34.42 -16.63 21.05
CA HIS D 110 33.76 -15.52 21.72
C HIS D 110 32.21 -15.58 21.62
N ALA D 111 31.53 -15.38 22.73
CA ALA D 111 30.06 -15.42 22.76
C ALA D 111 29.42 -14.07 22.41
N TYR D 112 29.18 -13.82 21.13
CA TYR D 112 28.53 -12.58 20.69
C TYR D 112 27.10 -12.52 21.22
N THR D 113 26.45 -13.68 21.33
CA THR D 113 25.07 -13.72 21.84
C THR D 113 24.81 -15.03 22.56
N HIS D 114 23.64 -15.04 23.17
CA HIS D 114 23.19 -16.21 23.88
C HIS D 114 23.16 -17.44 22.97
N ALA D 115 23.08 -17.24 21.65
CA ALA D 115 23.00 -18.37 20.73
C ALA D 115 24.32 -18.78 20.14
N THR D 116 25.35 -17.94 20.32
CA THR D 116 26.63 -18.26 19.74
C THR D 116 27.04 -19.65 20.19
N LEU D 117 27.65 -20.39 19.26
CA LEU D 117 28.16 -21.74 19.53
C LEU D 117 29.51 -21.66 20.30
N VAL D 118 29.49 -21.86 21.62
CA VAL D 118 30.68 -21.78 22.48
C VAL D 118 31.30 -23.14 22.85
N SER D 119 30.57 -24.20 22.57
CA SER D 119 31.00 -25.58 22.80
C SER D 119 31.61 -26.11 21.52
N PRO D 120 32.86 -26.61 21.57
CA PRO D 120 33.50 -27.14 20.36
C PRO D 120 32.76 -28.35 19.84
N VAL D 121 31.99 -28.98 20.72
CA VAL D 121 31.22 -30.16 20.32
C VAL D 121 30.04 -29.78 19.43
N HIS D 122 29.28 -28.77 19.85
CA HIS D 122 28.15 -28.29 19.09
C HIS D 122 28.63 -27.67 17.78
N LEU D 123 29.69 -26.87 17.87
CA LEU D 123 30.21 -26.26 16.66
C LEU D 123 30.54 -27.32 15.62
N LYS D 124 31.16 -28.40 16.05
CA LYS D 124 31.52 -29.39 15.08
C LYS D 124 30.31 -30.05 14.49
N GLU D 125 29.28 -30.26 15.31
CA GLU D 125 28.06 -30.86 14.82
C GLU D 125 27.36 -29.95 13.84
N ASP D 126 27.56 -28.65 14.00
CA ASP D 126 26.91 -27.69 13.14
C ASP D 126 27.64 -27.66 11.82
N LEU D 127 28.96 -27.67 11.89
CA LEU D 127 29.79 -27.63 10.69
C LEU D 127 29.57 -28.87 9.85
N ALA D 128 29.27 -29.98 10.52
CA ALA D 128 29.05 -31.26 9.86
C ALA D 128 27.74 -31.25 9.08
N GLN D 129 26.73 -30.62 9.69
CA GLN D 129 25.43 -30.49 9.07
C GLN D 129 25.49 -29.48 7.91
N THR D 130 26.47 -28.58 7.94
CA THR D 130 26.64 -27.57 6.92
C THR D 130 27.11 -28.29 5.65
N ARG D 131 28.06 -29.20 5.83
CA ARG D 131 28.56 -29.97 4.72
C ARG D 131 27.41 -30.79 4.14
N LYS D 132 26.62 -31.40 5.01
CA LYS D 132 25.50 -32.20 4.55
C LYS D 132 24.38 -31.51 3.74
N ARG D 133 23.94 -30.34 4.22
CA ARG D 133 22.87 -29.62 3.56
C ARG D 133 23.33 -28.67 2.46
N GLY D 134 24.63 -28.36 2.44
CA GLY D 134 25.14 -27.49 1.41
C GLY D 134 25.29 -25.99 1.72
N TYR D 135 24.97 -25.53 2.92
CA TYR D 135 25.15 -24.12 3.20
C TYR D 135 25.29 -23.95 4.70
N SER D 136 25.78 -22.79 5.15
CA SER D 136 25.92 -22.58 6.57
C SER D 136 24.73 -21.77 7.05
N PHE D 137 24.50 -21.77 8.33
CA PHE D 137 23.41 -21.05 8.85
C PHE D 137 23.71 -20.40 10.21
N ASP D 138 23.80 -19.08 10.21
CA ASP D 138 24.01 -18.35 11.46
C ASP D 138 22.64 -17.91 11.94
N ASP D 139 22.20 -18.53 13.03
CA ASP D 139 20.92 -18.20 13.60
C ASP D 139 21.07 -17.28 14.81
N GLU D 140 21.25 -15.98 14.58
CA GLU D 140 21.39 -15.01 15.66
C GLU D 140 22.65 -15.23 16.54
N GLU D 141 23.63 -15.93 15.98
CA GLU D 141 24.86 -16.26 16.69
C GLU D 141 25.88 -15.12 16.64
N HIS D 142 25.68 -14.23 15.69
CA HIS D 142 26.60 -13.12 15.57
C HIS D 142 26.03 -11.85 16.19
N ALA D 143 24.73 -11.65 16.00
CA ALA D 143 24.05 -10.51 16.51
C ALA D 143 22.55 -10.85 16.61
N LEU D 144 21.93 -10.35 17.68
CA LEU D 144 20.52 -10.63 17.87
C LEU D 144 19.69 -10.13 16.69
N GLY D 145 18.66 -10.87 16.36
CA GLY D 145 17.79 -10.51 15.27
C GLY D 145 18.33 -10.80 13.89
N LEU D 146 19.58 -11.22 13.79
CA LEU D 146 20.17 -11.44 12.49
C LEU D 146 20.40 -12.87 12.08
N ARG D 147 19.93 -13.22 10.88
CA ARG D 147 20.13 -14.55 10.34
C ARG D 147 20.98 -14.39 9.12
N CYS D 148 21.79 -15.39 8.83
CA CYS D 148 22.67 -15.34 7.68
C CYS D 148 22.87 -16.74 7.09
N LEU D 149 22.87 -16.86 5.77
CA LEU D 149 23.07 -18.16 5.17
C LEU D 149 24.21 -18.04 4.15
N ALA D 150 25.12 -19.00 4.12
CA ALA D 150 26.23 -18.85 3.19
C ALA D 150 26.74 -20.14 2.52
N ALA D 151 27.44 -19.99 1.41
CA ALA D 151 28.03 -21.16 0.72
C ALA D 151 29.32 -20.80 0.08
N CYS D 152 30.26 -21.74 0.11
CA CYS D 152 31.59 -21.51 -0.45
C CYS D 152 31.72 -21.63 -1.98
N ILE D 153 32.68 -20.91 -2.53
CA ILE D 153 32.98 -20.87 -3.94
C ILE D 153 34.35 -21.56 -4.07
N PHE D 154 34.50 -22.43 -5.06
CA PHE D 154 35.74 -23.17 -5.19
C PHE D 154 36.53 -22.99 -6.48
N ASP D 155 37.86 -22.94 -6.34
CA ASP D 155 38.74 -22.78 -7.51
C ASP D 155 39.09 -24.12 -8.14
N GLU D 156 39.97 -24.11 -9.13
CA GLU D 156 40.37 -25.35 -9.80
C GLU D 156 41.05 -26.37 -8.90
N HIS D 157 41.48 -25.95 -7.71
CA HIS D 157 42.11 -26.88 -6.76
C HIS D 157 41.09 -27.25 -5.71
N ARG D 158 39.80 -27.16 -6.05
CA ARG D 158 38.70 -27.45 -5.12
C ARG D 158 38.93 -26.80 -3.74
N GLU D 159 39.60 -25.66 -3.74
CA GLU D 159 39.87 -24.89 -2.52
C GLU D 159 38.84 -23.77 -2.46
N PRO D 160 38.29 -23.53 -1.27
CA PRO D 160 37.28 -22.47 -1.06
C PRO D 160 37.98 -21.10 -0.99
N PHE D 161 37.95 -20.32 -2.07
CA PHE D 161 38.62 -19.02 -2.08
C PHE D 161 37.64 -17.87 -1.92
N ALA D 162 36.37 -18.20 -1.65
CA ALA D 162 35.30 -17.21 -1.48
C ALA D 162 34.05 -17.83 -0.87
N ALA D 163 33.13 -16.94 -0.50
CA ALA D 163 31.85 -17.36 0.04
C ALA D 163 30.80 -16.29 -0.30
N ILE D 164 29.59 -16.74 -0.61
CA ILE D 164 28.51 -15.83 -0.90
C ILE D 164 27.49 -16.12 0.14
N SER D 165 26.80 -15.09 0.59
CA SER D 165 25.80 -15.22 1.61
C SER D 165 24.58 -14.31 1.40
N ILE D 166 23.61 -14.58 2.28
CA ILE D 166 22.38 -13.86 2.40
C ILE D 166 22.21 -13.58 3.88
N SER D 167 21.98 -12.30 4.19
CA SER D 167 21.81 -11.80 5.55
C SER D 167 20.57 -10.96 5.72
N GLY D 168 19.84 -11.23 6.80
CA GLY D 168 18.63 -10.46 7.02
C GLY D 168 18.08 -10.64 8.38
N PRO D 169 17.09 -9.85 8.73
CA PRO D 169 16.42 -9.91 10.04
C PRO D 169 15.53 -11.15 10.19
N ILE D 170 15.37 -11.64 11.40
CA ILE D 170 14.60 -12.83 11.61
C ILE D 170 13.12 -12.54 11.36
N SER D 171 12.78 -11.27 11.22
CA SER D 171 11.40 -10.94 10.93
C SER D 171 11.03 -11.38 9.49
N ARG D 172 12.01 -11.46 8.57
CA ARG D 172 11.68 -11.87 7.21
C ARG D 172 12.31 -13.21 6.86
N ILE D 173 13.46 -13.50 7.46
CA ILE D 173 14.09 -14.78 7.23
C ILE D 173 13.54 -15.73 8.29
N THR D 174 12.27 -16.09 8.15
CA THR D 174 11.57 -16.97 9.09
C THR D 174 11.96 -18.45 8.97
N ASP D 175 11.73 -19.20 10.05
CA ASP D 175 12.05 -20.64 10.12
C ASP D 175 11.56 -21.46 8.93
N ASP D 176 10.33 -21.19 8.51
CA ASP D 176 9.76 -21.93 7.41
C ASP D 176 10.46 -21.65 6.09
N ARG D 177 11.21 -20.55 6.01
CA ARG D 177 11.89 -20.19 4.76
C ARG D 177 13.38 -20.53 4.70
N VAL D 178 13.96 -20.93 5.81
CA VAL D 178 15.39 -21.20 5.80
C VAL D 178 15.86 -22.15 4.73
N THR D 179 15.23 -23.31 4.63
CA THR D 179 15.65 -24.29 3.62
C THR D 179 15.61 -23.73 2.20
N GLU D 180 14.56 -22.99 1.87
CA GLU D 180 14.38 -22.41 0.57
C GLU D 180 15.49 -21.38 0.35
N PHE D 181 15.85 -20.66 1.41
CA PHE D 181 16.94 -19.69 1.31
C PHE D 181 18.27 -20.44 1.09
N GLY D 182 18.46 -21.56 1.77
CA GLY D 182 19.71 -22.28 1.58
C GLY D 182 19.83 -22.70 0.13
N ALA D 183 18.73 -23.24 -0.41
CA ALA D 183 18.71 -23.70 -1.79
C ALA D 183 19.14 -22.57 -2.65
N VAL D 185 21.20 -19.97 -1.80
CA VAL D 185 22.61 -19.64 -1.68
C VAL D 185 23.45 -20.71 -2.32
N ILE D 186 22.97 -21.95 -2.29
CA ILE D 186 23.64 -23.08 -2.94
C ILE D 186 23.69 -22.86 -4.45
N LYS D 187 22.55 -22.50 -5.01
CA LYS D 187 22.51 -22.22 -6.43
C LYS D 187 23.43 -21.03 -6.72
N ALA D 188 23.33 -19.96 -5.96
CA ALA D 188 24.18 -18.78 -6.20
C ALA D 188 25.69 -19.14 -6.15
N ALA D 189 26.10 -19.87 -5.12
CA ALA D 189 27.51 -20.29 -5.00
C ALA D 189 27.96 -21.19 -6.16
N LYS D 190 27.06 -22.04 -6.63
CA LYS D 190 27.42 -22.96 -7.69
C LYS D 190 27.69 -22.18 -8.93
N GLU D 191 26.80 -21.23 -9.20
CA GLU D 191 26.92 -20.39 -10.40
C GLU D 191 28.20 -19.58 -10.40
N VAL D 192 28.63 -19.16 -9.22
CA VAL D 192 29.84 -18.38 -9.11
C VAL D 192 31.01 -19.31 -9.32
N THR D 193 30.98 -20.47 -8.67
CA THR D 193 32.05 -21.46 -8.86
C THR D 193 32.18 -21.76 -10.35
N LEU D 194 31.05 -22.05 -11.01
CA LEU D 194 31.06 -22.32 -12.47
C LEU D 194 31.58 -21.14 -13.30
N ALA D 195 31.20 -19.92 -12.93
CA ALA D 195 31.66 -18.75 -13.66
C ALA D 195 33.18 -18.60 -13.55
N TYR D 196 33.73 -18.90 -12.38
CA TYR D 196 35.17 -18.81 -12.17
C TYR D 196 35.83 -19.86 -13.04
N GLY D 197 35.22 -21.04 -13.09
CA GLY D 197 35.77 -22.10 -13.89
C GLY D 197 35.70 -21.70 -15.34
N GLY D 198 34.70 -20.89 -15.68
CA GLY D 198 34.53 -20.48 -17.07
C GLY D 198 35.70 -19.66 -17.58
N ARG D 200 36.60 -17.19 -16.32
CA ARG D 200 36.17 -15.86 -15.95
C ARG D 200 35.92 -15.10 -17.26
#